data_3ZV0
#
_entry.id   3ZV0
#
_cell.length_a   154.060
_cell.length_b   154.060
_cell.length_c   121.590
_cell.angle_alpha   90.00
_cell.angle_beta   90.00
_cell.angle_gamma   90.00
#
_symmetry.space_group_name_H-M   'P 4 21 2'
#
loop_
_entity.id
_entity.type
_entity.pdbx_description
1 polymer 'PROTEIN SHQ1'
2 polymer 'H/ACA RIBONUCLEOPROTEIN COMPLEX SUBUNIT 4'
3 non-polymer GLYCEROL
4 water water
#
loop_
_entity_poly.entity_id
_entity_poly.type
_entity_poly.pdbx_seq_one_letter_code
_entity_poly.pdbx_strand_id
1 'polypeptide(L)'
;MGEGFNWEIEQKMDSSTNNGILKTKYGFDNLYDTVISVSTSNGNDINELDDPEHTDANDRVIERLRKENLKFDPEYYVSE
YMTHKYGNEEDLEINGIKELLKFTPSIVKQYLQWYKDSTNPNLVMPIEFTDEEQKQMQDNLPKKSYLVEDIKPLYVTILS
VLFSYVFEQIENEGTHTTESAWTMGKLCPQISFLDQQLKQVNELQDGMKEISKVNKDSSLIKIAIITGIRRALSYPLHRN
YDLAMKAWTFVYYILRGGKRLVIRALLDIHETFRFHDVYYVYDKVLLDDLTAWFISQGSENVIRSLALEMRKEQESLSKQ
DIEFECIASFNEQTGEPEWETLNIREMEILAESEYREQQQNPQHHHHHH
;
A,B
2 'polypeptide(L)'
;HHHHHHMSKEDFVIKPEAAGASTDTSEWPLLLKNFDKLLVRSGHYTPIPAGSSPLKRDLKSYISSGPLETLLVGYKRIVV
KDSAVNAVCYGAKLMIPGLLRYEEGIELYDEIVLITTKGEAIAVAIAQMSTVDLASCDHGVVASVKRCIMERDLYPRRWG
LGPVAQKKKQMKADGKLDKYGRVNENTPEQWKKEY
;
C,D
#
loop_
_chem_comp.id
_chem_comp.type
_chem_comp.name
_chem_comp.formula
GOL non-polymer GLYCEROL 'C3 H8 O3'
#
# COMPACT_ATOMS: atom_id res chain seq x y z
N ILE A 21 -18.60 23.63 -4.20
CA ILE A 21 -19.67 22.71 -4.60
C ILE A 21 -20.66 22.52 -3.43
N LEU A 22 -21.98 22.52 -3.73
CA LEU A 22 -23.01 22.27 -2.72
C LEU A 22 -22.97 20.79 -2.37
N LYS A 23 -23.20 20.47 -1.09
CA LYS A 23 -23.19 19.09 -0.59
C LYS A 23 -24.44 18.35 -1.06
N THR A 24 -24.27 17.06 -1.44
CA THR A 24 -25.34 16.20 -1.92
C THR A 24 -25.69 15.20 -0.82
N LYS A 25 -26.89 15.33 -0.23
CA LYS A 25 -27.35 14.43 0.83
C LYS A 25 -27.65 13.03 0.31
N TYR A 26 -27.57 12.04 1.20
CA TYR A 26 -27.75 10.63 0.83
C TYR A 26 -28.32 9.80 1.97
N GLY A 27 -28.43 8.51 1.72
CA GLY A 27 -28.94 7.57 2.68
C GLY A 27 -30.45 7.59 2.80
N PHE A 28 -30.97 7.10 3.94
CA PHE A 28 -32.40 7.03 4.20
C PHE A 28 -33.02 8.40 4.09
N ASP A 29 -34.03 8.54 3.20
CA ASP A 29 -34.79 9.76 2.94
C ASP A 29 -33.88 10.99 2.65
N ASN A 30 -32.64 10.73 2.15
CA ASN A 30 -31.60 11.72 1.83
C ASN A 30 -31.33 12.65 3.02
N LEU A 31 -31.26 12.08 4.23
CA LEU A 31 -31.09 12.84 5.45
C LEU A 31 -29.66 12.97 5.94
N TYR A 32 -28.75 12.19 5.33
CA TYR A 32 -27.36 12.10 5.80
C TYR A 32 -26.32 12.76 4.91
N ASP A 33 -25.17 13.08 5.51
CA ASP A 33 -24.01 13.68 4.84
C ASP A 33 -22.77 13.49 5.71
N THR A 34 -21.58 13.77 5.14
CA THR A 34 -20.25 13.75 5.77
C THR A 34 -19.72 12.39 6.21
N VAL A 35 -20.59 11.56 6.80
CA VAL A 35 -20.27 10.24 7.33
C VAL A 35 -19.48 9.35 6.35
N ILE A 36 -19.95 9.24 5.11
CA ILE A 36 -19.28 8.39 4.13
C ILE A 36 -17.87 8.82 3.80
N SER A 37 -17.64 10.12 3.50
CA SER A 37 -16.29 10.62 3.22
C SER A 37 -15.34 10.36 4.39
N VAL A 38 -15.79 10.57 5.65
CA VAL A 38 -14.99 10.32 6.85
C VAL A 38 -14.60 8.82 6.92
N SER A 39 -15.56 7.92 6.61
CA SER A 39 -15.36 6.47 6.63
C SER A 39 -14.29 6.01 5.62
N THR A 40 -14.22 6.66 4.44
CA THR A 40 -13.27 6.31 3.39
C THR A 40 -11.84 6.55 3.85
N SER A 41 -11.65 7.44 4.85
CA SER A 41 -10.33 7.71 5.44
C SER A 41 -9.98 6.60 6.46
N ASN A 42 -10.98 5.81 6.87
CA ASN A 42 -10.84 4.71 7.83
C ASN A 42 -10.85 3.30 7.22
N GLY A 43 -10.73 3.23 5.89
CA GLY A 43 -10.71 1.94 5.21
C GLY A 43 -12.05 1.41 4.72
N ASN A 44 -13.04 2.30 4.50
CA ASN A 44 -14.32 1.87 3.94
C ASN A 44 -14.10 1.56 2.45
N ASP A 45 -13.88 0.28 2.16
CA ASP A 45 -13.70 -0.22 0.79
C ASP A 45 -15.01 -0.72 0.14
N ILE A 46 -16.14 -0.56 0.83
CA ILE A 46 -17.45 -0.88 0.24
C ILE A 46 -17.84 0.29 -0.64
N ASN A 47 -17.66 1.54 -0.15
CA ASN A 47 -17.99 2.72 -0.92
C ASN A 47 -17.24 2.66 -2.24
N GLU A 48 -17.96 2.92 -3.32
CA GLU A 48 -17.40 2.91 -4.67
C GLU A 48 -17.50 4.27 -5.36
N LEU A 49 -18.14 5.28 -4.71
CA LEU A 49 -18.23 6.65 -5.22
C LEU A 49 -16.92 7.41 -5.03
N ASP A 50 -16.44 8.09 -6.07
CA ASP A 50 -15.19 8.87 -5.99
C ASP A 50 -15.37 10.08 -5.05
N ASP A 51 -16.53 10.74 -5.12
CA ASP A 51 -16.84 11.93 -4.33
C ASP A 51 -18.26 11.83 -3.74
N PRO A 52 -18.48 11.01 -2.68
CA PRO A 52 -19.84 10.86 -2.13
C PRO A 52 -20.56 12.10 -1.65
N GLU A 53 -19.81 13.13 -1.21
CA GLU A 53 -20.39 14.35 -0.68
C GLU A 53 -20.81 15.35 -1.74
N HIS A 54 -20.36 15.15 -2.99
CA HIS A 54 -20.68 16.06 -4.11
C HIS A 54 -21.05 15.31 -5.39
N THR A 55 -21.87 14.28 -5.28
CA THR A 55 -22.35 13.53 -6.45
C THR A 55 -23.86 13.45 -6.35
N ASP A 56 -24.58 14.09 -7.28
CA ASP A 56 -26.05 14.03 -7.25
C ASP A 56 -26.56 12.64 -7.64
N ALA A 57 -27.85 12.36 -7.32
CA ALA A 57 -28.50 11.08 -7.57
C ALA A 57 -28.29 10.54 -8.99
N ASN A 58 -28.46 11.39 -10.02
CA ASN A 58 -28.29 10.96 -11.40
C ASN A 58 -26.85 10.63 -11.74
N ASP A 59 -25.90 11.41 -11.20
CA ASP A 59 -24.49 11.15 -11.42
C ASP A 59 -24.01 9.87 -10.74
N ARG A 60 -24.67 9.45 -9.63
CA ARG A 60 -24.36 8.18 -8.94
C ARG A 60 -24.69 7.01 -9.87
N VAL A 61 -25.84 7.08 -10.60
CA VAL A 61 -26.27 6.06 -11.57
C VAL A 61 -25.23 5.99 -12.72
N ILE A 62 -24.85 7.16 -13.31
CA ILE A 62 -23.86 7.23 -14.39
C ILE A 62 -22.52 6.60 -13.99
N GLU A 63 -21.99 6.98 -12.81
CA GLU A 63 -20.73 6.47 -12.28
C GLU A 63 -20.81 4.96 -12.04
N ARG A 64 -21.92 4.49 -11.42
CA ARG A 64 -22.13 3.08 -11.13
C ARG A 64 -22.06 2.24 -12.40
N LEU A 65 -22.83 2.64 -13.42
CA LEU A 65 -22.88 1.92 -14.70
C LEU A 65 -21.51 1.84 -15.38
N ARG A 66 -20.75 2.93 -15.33
CA ARG A 66 -19.41 2.97 -15.91
C ARG A 66 -18.45 2.03 -15.14
N LYS A 67 -18.51 2.07 -13.80
CA LYS A 67 -17.66 1.26 -12.95
C LYS A 67 -18.00 -0.24 -12.98
N GLU A 68 -19.29 -0.58 -13.17
CA GLU A 68 -19.74 -1.97 -13.27
C GLU A 68 -19.16 -2.61 -14.53
N ASN A 69 -19.19 -1.87 -15.65
CA ASN A 69 -18.61 -2.32 -16.92
C ASN A 69 -17.11 -2.48 -16.81
N LEU A 70 -16.43 -1.60 -16.04
CA LEU A 70 -14.98 -1.73 -15.78
C LEU A 70 -14.65 -2.92 -14.89
N LYS A 71 -15.53 -3.19 -13.91
CA LYS A 71 -15.35 -4.25 -12.93
C LYS A 71 -15.55 -5.64 -13.52
N PHE A 72 -16.59 -5.81 -14.34
CA PHE A 72 -16.89 -7.09 -14.93
C PHE A 72 -15.68 -7.68 -15.63
N ASP A 73 -15.39 -8.95 -15.34
CA ASP A 73 -14.28 -9.70 -15.95
C ASP A 73 -14.84 -10.88 -16.77
N PRO A 74 -14.92 -10.75 -18.12
CA PRO A 74 -15.49 -11.84 -18.94
C PRO A 74 -14.74 -13.16 -18.85
N GLU A 75 -13.41 -13.12 -18.72
CA GLU A 75 -12.59 -14.34 -18.57
C GLU A 75 -12.89 -15.09 -17.29
N TYR A 76 -13.10 -14.36 -16.19
CA TYR A 76 -13.48 -14.89 -14.88
C TYR A 76 -14.87 -15.50 -15.04
N TYR A 77 -15.82 -14.76 -15.65
CA TYR A 77 -17.19 -15.23 -15.83
C TYR A 77 -17.24 -16.54 -16.59
N VAL A 78 -16.59 -16.57 -17.75
CA VAL A 78 -16.48 -17.70 -18.66
C VAL A 78 -15.81 -18.90 -17.99
N SER A 79 -14.74 -18.65 -17.21
CA SER A 79 -14.04 -19.70 -16.46
C SER A 79 -14.97 -20.41 -15.45
N GLU A 80 -15.79 -19.63 -14.71
CA GLU A 80 -16.76 -20.13 -13.74
C GLU A 80 -17.77 -21.00 -14.42
N TYR A 81 -18.31 -20.52 -15.57
CA TYR A 81 -19.32 -21.22 -16.36
C TYR A 81 -18.78 -22.56 -16.83
N MET A 82 -17.54 -22.56 -17.38
CA MET A 82 -16.87 -23.76 -17.89
C MET A 82 -16.54 -24.75 -16.81
N THR A 83 -16.15 -24.26 -15.62
CA THR A 83 -15.88 -25.14 -14.49
C THR A 83 -17.17 -25.87 -14.10
N HIS A 84 -18.29 -25.13 -13.99
CA HIS A 84 -19.57 -25.72 -13.61
C HIS A 84 -20.07 -26.76 -14.62
N LYS A 85 -19.98 -26.43 -15.93
CA LYS A 85 -20.47 -27.28 -17.01
C LYS A 85 -19.55 -28.44 -17.39
N TYR A 86 -18.23 -28.20 -17.44
CA TYR A 86 -17.25 -29.18 -17.92
C TYR A 86 -16.14 -29.61 -16.94
N GLY A 87 -16.08 -29.01 -15.75
CA GLY A 87 -15.06 -29.34 -14.76
C GLY A 87 -15.13 -30.75 -14.22
N ASN A 88 -13.95 -31.35 -13.92
CA ASN A 88 -13.86 -32.68 -13.33
C ASN A 88 -14.18 -32.57 -11.82
N GLU A 89 -14.18 -33.68 -11.08
CA GLU A 89 -14.49 -33.66 -9.65
C GLU A 89 -13.60 -32.77 -8.78
N GLU A 90 -12.28 -32.79 -9.04
CA GLU A 90 -11.33 -31.94 -8.30
C GLU A 90 -11.57 -30.45 -8.58
N ASP A 91 -11.79 -30.07 -9.87
CA ASP A 91 -12.08 -28.69 -10.26
C ASP A 91 -13.33 -28.19 -9.54
N LEU A 92 -14.37 -29.03 -9.53
CA LEU A 92 -15.64 -28.71 -8.88
C LEU A 92 -15.53 -28.68 -7.35
N GLU A 93 -14.65 -29.51 -6.75
CA GLU A 93 -14.44 -29.54 -5.31
C GLU A 93 -13.83 -28.23 -4.82
N ILE A 94 -12.76 -27.75 -5.50
CA ILE A 94 -12.07 -26.51 -5.14
C ILE A 94 -12.97 -25.29 -5.37
N ASN A 95 -13.76 -25.30 -6.46
CA ASN A 95 -14.65 -24.18 -6.82
C ASN A 95 -15.82 -24.06 -5.83
N GLY A 96 -16.52 -25.16 -5.59
CA GLY A 96 -17.65 -25.17 -4.66
C GLY A 96 -19.02 -24.85 -5.23
N ILE A 97 -19.12 -24.40 -6.51
CA ILE A 97 -20.39 -24.07 -7.19
C ILE A 97 -21.52 -25.11 -6.96
N LYS A 98 -21.23 -26.41 -7.18
CA LYS A 98 -22.26 -27.43 -7.02
C LYS A 98 -22.79 -27.54 -5.61
N GLU A 99 -21.92 -27.31 -4.61
CA GLU A 99 -22.32 -27.32 -3.20
C GLU A 99 -23.16 -26.10 -2.85
N LEU A 100 -22.78 -24.92 -3.37
CA LEU A 100 -23.52 -23.68 -3.15
C LEU A 100 -24.91 -23.77 -3.76
N LEU A 101 -25.02 -24.35 -4.95
CA LEU A 101 -26.30 -24.52 -5.64
C LEU A 101 -27.28 -25.45 -4.95
N LYS A 102 -26.80 -26.33 -4.03
CA LYS A 102 -27.62 -27.27 -3.25
C LYS A 102 -28.02 -26.68 -1.89
N PHE A 103 -27.41 -25.54 -1.49
CA PHE A 103 -27.62 -24.92 -0.18
C PHE A 103 -28.91 -24.12 -0.05
N THR A 104 -29.58 -24.30 1.09
CA THR A 104 -30.79 -23.54 1.39
C THR A 104 -30.55 -22.76 2.69
N PRO A 105 -30.55 -21.42 2.64
CA PRO A 105 -30.40 -20.63 3.88
C PRO A 105 -31.44 -21.01 4.94
N SER A 106 -31.10 -20.90 6.22
CA SER A 106 -32.00 -21.23 7.34
C SER A 106 -33.36 -20.53 7.25
N ILE A 107 -33.36 -19.23 6.88
CA ILE A 107 -34.56 -18.41 6.77
C ILE A 107 -35.52 -19.00 5.73
N VAL A 108 -34.97 -19.50 4.63
CA VAL A 108 -35.74 -20.12 3.54
C VAL A 108 -36.25 -21.49 3.98
N LYS A 109 -35.43 -22.30 4.65
CA LYS A 109 -35.83 -23.61 5.18
C LYS A 109 -37.03 -23.46 6.10
N GLN A 110 -37.02 -22.41 6.98
CA GLN A 110 -38.10 -22.09 7.90
C GLN A 110 -39.40 -21.86 7.09
N TYR A 111 -39.34 -21.01 6.02
CA TYR A 111 -40.49 -20.74 5.15
C TYR A 111 -40.98 -21.99 4.48
N LEU A 112 -40.09 -22.73 3.79
CA LEU A 112 -40.44 -23.94 3.05
C LEU A 112 -41.03 -25.01 3.94
N GLN A 113 -40.51 -25.16 5.18
CA GLN A 113 -41.06 -26.13 6.13
C GLN A 113 -42.50 -25.74 6.54
N TRP A 114 -42.74 -24.44 6.75
CA TRP A 114 -44.05 -23.92 7.12
C TRP A 114 -45.01 -24.07 5.94
N TYR A 115 -44.59 -23.64 4.74
CA TYR A 115 -45.38 -23.69 3.51
C TYR A 115 -45.89 -25.10 3.17
N LYS A 116 -45.04 -26.13 3.29
CA LYS A 116 -45.30 -27.54 3.02
C LYS A 116 -46.52 -28.06 3.81
N ASP A 117 -46.71 -27.57 5.05
CA ASP A 117 -47.81 -27.96 5.97
C ASP A 117 -48.97 -26.97 6.08
N SER A 118 -48.86 -25.79 5.43
CA SER A 118 -49.88 -24.73 5.48
C SER A 118 -51.18 -25.15 4.81
N THR A 119 -52.30 -24.94 5.51
CA THR A 119 -53.64 -25.23 5.01
C THR A 119 -54.13 -24.10 4.06
N ASN A 120 -53.66 -22.85 4.29
CA ASN A 120 -53.96 -21.70 3.45
C ASN A 120 -52.63 -21.02 3.08
N PRO A 121 -52.02 -21.52 1.98
CA PRO A 121 -50.68 -21.04 1.56
C PRO A 121 -50.55 -19.56 1.14
N ASN A 122 -51.67 -18.87 0.95
CA ASN A 122 -51.68 -17.47 0.56
C ASN A 122 -51.55 -16.54 1.77
N LEU A 123 -51.66 -17.09 3.00
CA LEU A 123 -51.55 -16.32 4.24
C LEU A 123 -50.09 -16.01 4.58
N VAL A 124 -49.85 -15.19 5.63
CA VAL A 124 -48.46 -14.87 6.03
C VAL A 124 -47.94 -15.89 7.04
N MET A 125 -46.63 -16.13 7.00
CA MET A 125 -45.96 -17.09 7.88
C MET A 125 -45.89 -16.59 9.33
N PRO A 126 -46.29 -17.40 10.33
CA PRO A 126 -46.16 -16.95 11.73
C PRO A 126 -44.69 -16.89 12.18
N ILE A 127 -44.31 -15.85 12.95
CA ILE A 127 -42.93 -15.67 13.44
C ILE A 127 -42.94 -15.25 14.91
N GLU A 128 -42.15 -15.95 15.74
CA GLU A 128 -41.94 -15.58 17.14
C GLU A 128 -40.50 -15.09 17.19
N PHE A 129 -40.28 -13.79 17.44
CA PHE A 129 -38.92 -13.25 17.51
C PHE A 129 -38.15 -13.81 18.71
N THR A 130 -36.89 -14.18 18.51
CA THR A 130 -36.02 -14.74 19.55
C THR A 130 -35.68 -13.66 20.58
N ASP A 131 -35.19 -14.05 21.77
CA ASP A 131 -34.77 -13.10 22.81
C ASP A 131 -33.72 -12.13 22.25
N GLU A 132 -32.76 -12.69 21.48
CA GLU A 132 -31.70 -11.94 20.81
C GLU A 132 -32.27 -10.91 19.83
N GLU A 133 -33.29 -11.28 19.01
CA GLU A 133 -33.92 -10.36 18.06
C GLU A 133 -34.66 -9.24 18.78
N GLN A 134 -35.36 -9.58 19.88
CA GLN A 134 -36.11 -8.61 20.68
C GLN A 134 -35.18 -7.58 21.33
N LYS A 135 -34.04 -8.03 21.90
CA LYS A 135 -33.02 -7.15 22.49
C LYS A 135 -32.44 -6.26 21.41
N GLN A 136 -32.20 -6.81 20.21
CA GLN A 136 -31.67 -6.08 19.07
C GLN A 136 -32.58 -4.93 18.70
N MET A 137 -33.88 -5.18 18.56
CA MET A 137 -34.86 -4.15 18.20
C MET A 137 -34.97 -3.07 19.28
N GLN A 138 -34.97 -3.49 20.55
CA GLN A 138 -35.05 -2.60 21.71
C GLN A 138 -33.80 -1.70 21.87
N ASP A 139 -32.60 -2.30 21.78
CA ASP A 139 -31.32 -1.62 22.04
C ASP A 139 -30.58 -1.01 20.88
N ASN A 140 -30.76 -1.54 19.66
CA ASN A 140 -29.97 -1.09 18.50
C ASN A 140 -30.67 -0.21 17.48
N LEU A 141 -32.01 -0.19 17.47
CA LEU A 141 -32.74 0.58 16.49
C LEU A 141 -33.24 1.93 16.99
N PRO A 142 -33.32 2.95 16.10
CA PRO A 142 -33.86 4.26 16.54
C PRO A 142 -35.32 4.17 17.01
N LYS A 143 -35.68 5.03 17.97
CA LYS A 143 -37.03 5.02 18.54
C LYS A 143 -37.97 6.10 18.01
N LYS A 144 -37.46 6.93 17.09
CA LYS A 144 -38.20 8.01 16.44
C LYS A 144 -39.36 7.51 15.57
N SER A 145 -40.36 8.38 15.34
CA SER A 145 -41.51 8.09 14.47
C SER A 145 -41.15 8.52 13.06
N TYR A 146 -41.73 7.85 12.05
CA TYR A 146 -41.44 8.15 10.64
C TYR A 146 -42.65 8.67 9.87
N LEU A 147 -42.42 9.72 9.08
CA LEU A 147 -43.41 10.35 8.20
C LEU A 147 -42.74 10.54 6.84
N VAL A 148 -42.44 9.42 6.17
CA VAL A 148 -41.77 9.40 4.87
C VAL A 148 -42.82 9.41 3.78
N GLU A 149 -42.73 10.40 2.89
CA GLU A 149 -43.66 10.54 1.77
C GLU A 149 -43.32 9.55 0.65
N ASP A 150 -42.06 9.53 0.22
CA ASP A 150 -41.61 8.67 -0.88
C ASP A 150 -41.14 7.30 -0.40
N ILE A 151 -42.09 6.36 -0.30
CA ILE A 151 -41.85 5.00 0.17
C ILE A 151 -41.38 4.00 -0.88
N LYS A 152 -41.64 4.25 -2.17
CA LYS A 152 -41.23 3.37 -3.27
C LYS A 152 -39.72 3.08 -3.29
N PRO A 153 -38.79 4.10 -3.16
CA PRO A 153 -37.36 3.76 -3.11
C PRO A 153 -36.95 2.89 -1.92
N LEU A 154 -37.73 2.97 -0.81
CA LEU A 154 -37.49 2.21 0.40
C LEU A 154 -37.84 0.75 0.23
N TYR A 155 -38.97 0.46 -0.43
CA TYR A 155 -39.34 -0.92 -0.70
C TYR A 155 -38.37 -1.55 -1.71
N VAL A 156 -37.90 -0.75 -2.70
CA VAL A 156 -36.89 -1.20 -3.67
C VAL A 156 -35.56 -1.46 -2.93
N THR A 157 -35.23 -0.61 -1.92
CA THR A 157 -34.00 -0.83 -1.13
C THR A 157 -34.11 -2.17 -0.41
N ILE A 158 -35.29 -2.49 0.16
CA ILE A 158 -35.52 -3.77 0.83
C ILE A 158 -35.30 -4.94 -0.13
N LEU A 159 -35.86 -4.85 -1.33
CA LEU A 159 -35.69 -5.86 -2.38
C LEU A 159 -34.20 -6.11 -2.70
N SER A 160 -33.43 -5.02 -2.92
CA SER A 160 -32.01 -5.09 -3.25
C SER A 160 -31.19 -5.63 -2.09
N VAL A 161 -31.50 -5.19 -0.87
CA VAL A 161 -30.74 -5.64 0.28
C VAL A 161 -31.03 -7.09 0.66
N LEU A 162 -32.27 -7.53 0.43
CA LEU A 162 -32.60 -8.94 0.65
C LEU A 162 -31.80 -9.83 -0.31
N PHE A 163 -31.64 -9.39 -1.59
CA PHE A 163 -30.84 -10.13 -2.56
C PHE A 163 -29.40 -10.26 -2.06
N SER A 164 -28.79 -9.15 -1.60
CA SER A 164 -27.41 -9.15 -1.07
C SER A 164 -27.27 -10.13 0.07
N TYR A 165 -28.23 -10.07 1.02
CA TYR A 165 -28.25 -10.93 2.19
C TYR A 165 -28.34 -12.40 1.80
N VAL A 166 -29.29 -12.76 0.92
CA VAL A 166 -29.50 -14.14 0.50
C VAL A 166 -28.27 -14.70 -0.20
N PHE A 167 -27.71 -13.91 -1.13
CA PHE A 167 -26.55 -14.31 -1.89
C PHE A 167 -25.39 -14.64 -0.92
N GLU A 168 -25.14 -13.75 0.07
CA GLU A 168 -24.11 -13.97 1.07
C GLU A 168 -24.39 -15.25 1.86
N GLN A 169 -25.64 -15.49 2.29
CA GLN A 169 -26.03 -16.71 3.02
C GLN A 169 -25.68 -17.97 2.21
N ILE A 170 -25.94 -17.94 0.89
CA ILE A 170 -25.62 -19.08 0.03
C ILE A 170 -24.12 -19.25 -0.07
N GLU A 171 -23.44 -18.18 -0.47
CA GLU A 171 -22.00 -18.20 -0.71
C GLU A 171 -21.17 -18.71 0.44
N ASN A 172 -21.60 -18.39 1.66
CA ASN A 172 -20.90 -18.78 2.87
C ASN A 172 -21.56 -19.95 3.60
N GLU A 173 -22.54 -20.60 2.94
CA GLU A 173 -23.26 -21.74 3.50
C GLU A 173 -23.78 -21.48 4.93
N GLY A 174 -24.36 -20.28 5.10
CA GLY A 174 -24.99 -19.83 6.33
C GLY A 174 -24.10 -19.40 7.48
N THR A 175 -22.77 -19.36 7.30
CA THR A 175 -21.88 -18.92 8.39
C THR A 175 -21.28 -17.57 7.99
N HIS A 176 -21.36 -16.55 8.85
CA HIS A 176 -20.75 -15.28 8.48
C HIS A 176 -19.24 -15.35 8.58
N THR A 177 -18.59 -14.51 7.77
CA THR A 177 -17.15 -14.31 7.78
C THR A 177 -16.90 -12.82 8.07
N THR A 178 -15.62 -12.44 8.20
CA THR A 178 -15.22 -11.04 8.43
C THR A 178 -15.56 -10.17 7.19
N GLU A 179 -15.83 -10.82 6.03
CA GLU A 179 -16.12 -10.14 4.77
C GLU A 179 -17.58 -10.27 4.31
N SER A 180 -18.47 -10.78 5.18
CA SER A 180 -19.91 -10.90 4.93
C SER A 180 -20.56 -9.56 4.61
N ALA A 181 -20.23 -8.51 5.37
CA ALA A 181 -20.72 -7.15 5.16
C ALA A 181 -20.22 -6.59 3.81
N TRP A 182 -18.96 -6.87 3.44
CA TRP A 182 -18.41 -6.43 2.16
C TRP A 182 -19.25 -7.01 1.01
N THR A 183 -19.52 -8.34 1.04
CA THR A 183 -20.30 -8.99 -0.01
C THR A 183 -21.69 -8.37 -0.15
N MET A 184 -22.37 -8.20 0.98
CA MET A 184 -23.69 -7.59 0.98
C MET A 184 -23.65 -6.15 0.46
N GLY A 185 -22.71 -5.36 0.94
CA GLY A 185 -22.54 -3.98 0.51
C GLY A 185 -22.27 -3.87 -0.97
N LYS A 186 -21.39 -4.72 -1.50
CA LYS A 186 -21.07 -4.73 -2.92
C LYS A 186 -22.22 -5.11 -3.84
N LEU A 187 -23.10 -6.00 -3.40
CA LEU A 187 -24.19 -6.43 -4.28
C LEU A 187 -25.40 -5.50 -4.23
N CYS A 188 -25.36 -4.53 -3.30
CA CYS A 188 -26.41 -3.58 -3.06
C CYS A 188 -26.06 -2.18 -3.62
N PRO A 189 -26.68 -1.72 -4.73
CA PRO A 189 -26.34 -0.38 -5.27
C PRO A 189 -26.64 0.78 -4.31
N GLN A 190 -27.62 0.61 -3.40
CA GLN A 190 -28.01 1.63 -2.42
C GLN A 190 -26.94 1.83 -1.36
N ILE A 191 -26.02 0.85 -1.23
CA ILE A 191 -24.90 0.90 -0.28
C ILE A 191 -23.62 1.30 -1.00
N SER A 192 -23.11 0.46 -1.91
CA SER A 192 -21.87 0.72 -2.64
C SER A 192 -21.84 2.10 -3.33
N PHE A 193 -22.96 2.46 -3.98
CA PHE A 193 -23.07 3.73 -4.73
C PHE A 193 -24.07 4.72 -4.16
N LEU A 194 -24.65 4.45 -2.96
CA LEU A 194 -25.66 5.31 -2.34
C LEU A 194 -26.77 5.67 -3.36
N ASP A 195 -27.08 4.71 -4.26
CA ASP A 195 -28.00 4.89 -5.36
C ASP A 195 -29.34 4.19 -5.13
N GLN A 196 -30.37 4.98 -4.80
CA GLN A 196 -31.74 4.51 -4.57
C GLN A 196 -32.59 4.77 -5.82
N GLN A 197 -32.04 5.51 -6.80
CA GLN A 197 -32.68 5.88 -8.06
C GLN A 197 -32.63 4.75 -9.09
N LEU A 198 -31.45 4.11 -9.26
CA LEU A 198 -31.20 2.96 -10.17
C LEU A 198 -31.27 3.26 -11.66
N LYS A 199 -32.23 4.08 -12.08
CA LYS A 199 -32.51 4.44 -13.46
C LYS A 199 -32.02 5.87 -13.74
N GLN A 200 -31.35 6.10 -14.88
CA GLN A 200 -30.87 7.42 -15.29
C GLN A 200 -32.05 8.27 -15.75
N VAL A 201 -31.93 9.58 -15.62
CA VAL A 201 -32.92 10.51 -16.17
C VAL A 201 -32.35 10.82 -17.57
N ASN A 202 -33.16 10.65 -18.63
CA ASN A 202 -32.74 10.86 -20.02
C ASN A 202 -32.38 12.32 -20.39
N SER A 218 -43.14 -3.85 -12.21
CA SER A 218 -42.63 -2.48 -12.39
C SER A 218 -41.24 -2.43 -13.02
N SER A 219 -40.99 -1.36 -13.80
CA SER A 219 -39.72 -1.18 -14.48
C SER A 219 -38.60 -1.02 -13.48
N LEU A 220 -38.81 -0.24 -12.39
CA LEU A 220 -37.79 -0.08 -11.33
C LEU A 220 -37.45 -1.42 -10.66
N ILE A 221 -38.47 -2.28 -10.47
CA ILE A 221 -38.27 -3.62 -9.92
C ILE A 221 -37.38 -4.44 -10.85
N LYS A 222 -37.69 -4.45 -12.16
CA LYS A 222 -36.91 -5.16 -13.17
C LYS A 222 -35.45 -4.67 -13.16
N ILE A 223 -35.25 -3.34 -13.07
CA ILE A 223 -33.91 -2.75 -13.03
C ILE A 223 -33.18 -3.22 -11.79
N ALA A 224 -33.88 -3.26 -10.64
CA ALA A 224 -33.27 -3.72 -9.38
C ALA A 224 -32.80 -5.19 -9.50
N ILE A 225 -33.59 -6.05 -10.17
CA ILE A 225 -33.26 -7.46 -10.39
C ILE A 225 -32.03 -7.59 -11.32
N ILE A 226 -32.05 -6.90 -12.48
CA ILE A 226 -30.93 -6.90 -13.42
C ILE A 226 -29.66 -6.39 -12.74
N THR A 227 -29.76 -5.28 -11.96
CA THR A 227 -28.62 -4.71 -11.23
C THR A 227 -27.99 -5.74 -10.29
N GLY A 228 -28.82 -6.44 -9.51
CA GLY A 228 -28.40 -7.49 -8.60
C GLY A 228 -27.63 -8.58 -9.32
N ILE A 229 -28.15 -9.02 -10.49
CA ILE A 229 -27.49 -10.03 -11.32
C ILE A 229 -26.16 -9.50 -11.85
N ARG A 230 -26.14 -8.29 -12.45
CA ARG A 230 -24.90 -7.73 -12.99
C ARG A 230 -23.81 -7.62 -11.92
N ARG A 231 -24.18 -7.13 -10.72
CA ARG A 231 -23.23 -6.99 -9.62
C ARG A 231 -22.78 -8.34 -9.07
N ALA A 232 -23.68 -9.34 -9.02
CA ALA A 232 -23.34 -10.71 -8.59
C ALA A 232 -22.41 -11.42 -9.62
N LEU A 233 -22.37 -10.91 -10.86
CA LEU A 233 -21.49 -11.48 -11.90
C LEU A 233 -20.18 -10.71 -12.01
N SER A 234 -20.02 -9.63 -11.21
CA SER A 234 -18.83 -8.77 -11.28
C SER A 234 -18.01 -8.65 -10.01
N TYR A 235 -18.64 -8.76 -8.84
CA TYR A 235 -17.97 -8.53 -7.56
C TYR A 235 -17.62 -9.73 -6.68
N PRO A 236 -18.51 -10.72 -6.48
CA PRO A 236 -18.20 -11.78 -5.54
C PRO A 236 -17.23 -12.86 -6.01
N LEU A 237 -16.87 -13.77 -5.11
CA LEU A 237 -15.95 -14.88 -5.41
C LEU A 237 -16.51 -15.81 -6.45
N HIS A 238 -17.81 -16.18 -6.31
CA HIS A 238 -18.50 -17.06 -7.26
C HIS A 238 -19.38 -16.22 -8.15
N ARG A 239 -19.09 -16.25 -9.46
CA ARG A 239 -19.80 -15.45 -10.47
C ARG A 239 -20.50 -16.40 -11.42
N ASN A 240 -21.79 -16.65 -11.14
CA ASN A 240 -22.58 -17.64 -11.84
C ASN A 240 -24.03 -17.17 -11.92
N TYR A 241 -24.59 -17.16 -13.16
CA TYR A 241 -25.97 -16.70 -13.43
C TYR A 241 -27.03 -17.53 -12.68
N ASP A 242 -26.88 -18.85 -12.66
CA ASP A 242 -27.80 -19.73 -11.95
C ASP A 242 -27.80 -19.45 -10.44
N LEU A 243 -26.62 -19.10 -9.90
CA LEU A 243 -26.46 -18.76 -8.50
C LEU A 243 -27.19 -17.44 -8.19
N ALA A 244 -27.00 -16.42 -9.05
CA ALA A 244 -27.70 -15.13 -8.91
C ALA A 244 -29.22 -15.32 -8.97
N MET A 245 -29.72 -16.12 -9.95
CA MET A 245 -31.15 -16.41 -10.06
C MET A 245 -31.70 -17.20 -8.86
N LYS A 246 -30.91 -18.14 -8.28
CA LYS A 246 -31.27 -18.91 -7.07
C LYS A 246 -31.50 -17.90 -5.92
N ALA A 247 -30.60 -16.91 -5.77
CA ALA A 247 -30.73 -15.91 -4.72
C ALA A 247 -32.01 -15.08 -4.89
N TRP A 248 -32.35 -14.66 -6.15
CA TRP A 248 -33.59 -13.92 -6.40
C TRP A 248 -34.83 -14.76 -6.09
N THR A 249 -34.78 -16.07 -6.38
CA THR A 249 -35.89 -16.99 -6.07
C THR A 249 -36.10 -17.06 -4.57
N PHE A 250 -35.00 -17.12 -3.79
CA PHE A 250 -35.08 -17.13 -2.34
C PHE A 250 -35.64 -15.80 -1.79
N VAL A 251 -35.33 -14.65 -2.42
CA VAL A 251 -35.87 -13.33 -2.03
C VAL A 251 -37.40 -13.37 -2.17
N TYR A 252 -37.89 -13.93 -3.28
CA TYR A 252 -39.32 -14.09 -3.55
C TYR A 252 -39.99 -14.81 -2.38
N TYR A 253 -39.41 -15.94 -1.93
CA TYR A 253 -39.94 -16.71 -0.81
C TYR A 253 -39.93 -15.91 0.49
N ILE A 254 -38.85 -15.16 0.80
CA ILE A 254 -38.77 -14.35 2.01
C ILE A 254 -39.90 -13.32 1.99
N LEU A 255 -40.07 -12.61 0.86
CA LEU A 255 -41.14 -11.63 0.68
C LEU A 255 -42.53 -12.25 0.85
N ARG A 256 -42.74 -13.46 0.27
CA ARG A 256 -43.99 -14.22 0.42
C ARG A 256 -44.29 -14.59 1.86
N GLY A 257 -43.24 -14.85 2.67
CA GLY A 257 -43.33 -15.16 4.08
C GLY A 257 -43.99 -14.04 4.87
N GLY A 258 -43.77 -12.80 4.42
CA GLY A 258 -44.41 -11.63 5.00
C GLY A 258 -43.50 -10.70 5.77
N LYS A 259 -44.11 -9.63 6.32
CA LYS A 259 -43.43 -8.57 7.07
C LYS A 259 -42.45 -9.07 8.14
N ARG A 260 -42.91 -9.98 9.03
CA ARG A 260 -42.10 -10.51 10.12
C ARG A 260 -40.91 -11.33 9.65
N LEU A 261 -41.06 -12.14 8.57
CA LEU A 261 -39.94 -12.89 8.02
C LEU A 261 -38.92 -11.92 7.44
N VAL A 262 -39.40 -10.84 6.78
CA VAL A 262 -38.54 -9.79 6.22
C VAL A 262 -37.79 -9.10 7.38
N ILE A 263 -38.47 -8.84 8.52
CA ILE A 263 -37.82 -8.24 9.69
C ILE A 263 -36.67 -9.14 10.19
N ARG A 264 -36.91 -10.47 10.29
CA ARG A 264 -35.87 -11.43 10.69
C ARG A 264 -34.62 -11.26 9.81
N ALA A 265 -34.80 -11.15 8.48
CA ALA A 265 -33.69 -10.93 7.54
C ALA A 265 -33.02 -9.58 7.77
N LEU A 266 -33.82 -8.49 7.89
CA LEU A 266 -33.29 -7.14 8.11
C LEU A 266 -32.48 -7.04 9.38
N LEU A 267 -32.93 -7.72 10.46
CA LEU A 267 -32.18 -7.70 11.72
C LEU A 267 -30.83 -8.35 11.58
N ASP A 268 -30.77 -9.46 10.81
CA ASP A 268 -29.52 -10.20 10.54
C ASP A 268 -28.53 -9.28 9.75
N ILE A 269 -29.02 -8.61 8.68
CA ILE A 269 -28.25 -7.67 7.87
C ILE A 269 -27.69 -6.54 8.77
N HIS A 270 -28.59 -5.92 9.55
CA HIS A 270 -28.25 -4.83 10.44
C HIS A 270 -27.15 -5.23 11.41
N GLU A 271 -27.25 -6.40 12.02
CA GLU A 271 -26.26 -6.91 12.97
C GLU A 271 -24.89 -7.15 12.32
N THR A 272 -24.87 -7.66 11.09
CA THR A 272 -23.63 -7.91 10.36
C THR A 272 -22.86 -6.61 10.13
N PHE A 273 -23.56 -5.51 9.80
CA PHE A 273 -22.91 -4.23 9.62
C PHE A 273 -22.58 -3.57 10.94
N ARG A 274 -23.47 -3.72 11.95
CA ARG A 274 -23.31 -3.08 13.26
C ARG A 274 -21.97 -3.43 13.92
N PHE A 275 -21.61 -4.71 13.80
CA PHE A 275 -20.47 -5.42 14.37
C PHE A 275 -19.10 -5.08 13.71
N HIS A 276 -19.16 -4.48 12.54
CA HIS A 276 -17.97 -4.13 11.80
C HIS A 276 -17.45 -2.74 12.20
N ASP A 277 -16.20 -2.68 12.58
CA ASP A 277 -15.56 -1.44 13.02
C ASP A 277 -15.55 -0.29 11.97
N VAL A 278 -15.76 -0.60 10.66
CA VAL A 278 -15.75 0.39 9.57
C VAL A 278 -17.10 0.49 8.90
N TYR A 279 -17.69 -0.66 8.53
CA TYR A 279 -18.91 -0.68 7.74
C TYR A 279 -20.19 -0.31 8.48
N TYR A 280 -20.14 -0.13 9.81
CA TYR A 280 -21.30 0.25 10.63
C TYR A 280 -21.95 1.55 10.12
N VAL A 281 -21.20 2.35 9.36
CA VAL A 281 -21.69 3.60 8.76
C VAL A 281 -22.92 3.36 7.89
N TYR A 282 -23.07 2.15 7.31
CA TYR A 282 -24.24 1.85 6.49
C TYR A 282 -25.48 1.62 7.30
N ASP A 283 -25.29 1.27 8.59
CA ASP A 283 -26.40 1.18 9.55
C ASP A 283 -26.77 2.63 9.88
N LYS A 284 -25.78 3.47 10.22
CA LYS A 284 -26.02 4.88 10.55
C LYS A 284 -26.81 5.62 9.46
N VAL A 285 -26.35 5.55 8.20
CA VAL A 285 -26.91 6.28 7.07
C VAL A 285 -28.09 5.62 6.36
N LEU A 286 -28.30 4.32 6.53
CA LEU A 286 -29.39 3.67 5.80
C LEU A 286 -30.18 2.62 6.57
N LEU A 287 -29.50 1.58 7.07
CA LEU A 287 -30.14 0.43 7.70
C LEU A 287 -30.81 0.62 9.04
N ASP A 288 -30.31 1.56 9.88
CA ASP A 288 -30.97 1.85 11.17
C ASP A 288 -32.41 2.28 10.87
N ASP A 289 -32.56 3.33 10.04
CA ASP A 289 -33.86 3.88 9.68
C ASP A 289 -34.66 2.96 8.79
N LEU A 290 -34.03 2.29 7.83
CA LEU A 290 -34.79 1.38 6.98
C LEU A 290 -35.49 0.29 7.81
N THR A 291 -34.77 -0.29 8.78
CA THR A 291 -35.30 -1.33 9.64
C THR A 291 -36.37 -0.79 10.58
N ALA A 292 -36.10 0.34 11.26
CA ALA A 292 -37.06 0.94 12.19
C ALA A 292 -38.33 1.41 11.51
N TRP A 293 -38.16 2.02 10.31
CA TRP A 293 -39.28 2.49 9.52
C TRP A 293 -40.09 1.28 9.04
N PHE A 294 -39.42 0.22 8.56
CA PHE A 294 -40.14 -0.96 8.10
C PHE A 294 -40.94 -1.61 9.22
N ILE A 295 -40.37 -1.74 10.42
CA ILE A 295 -41.06 -2.33 11.57
C ILE A 295 -42.36 -1.56 11.89
N SER A 296 -42.28 -0.22 11.95
CA SER A 296 -43.43 0.61 12.31
C SER A 296 -44.39 0.92 11.17
N GLN A 297 -43.89 1.06 9.93
CA GLN A 297 -44.68 1.48 8.77
C GLN A 297 -44.78 0.50 7.61
N GLY A 298 -44.05 -0.62 7.64
CA GLY A 298 -44.11 -1.61 6.57
C GLY A 298 -45.50 -2.19 6.40
N SER A 299 -45.95 -2.35 5.14
CA SER A 299 -47.29 -2.85 4.83
C SER A 299 -47.27 -4.28 4.31
N GLU A 300 -48.09 -5.17 4.88
CA GLU A 300 -48.20 -6.57 4.44
C GLU A 300 -48.66 -6.62 2.99
N ASN A 301 -49.64 -5.79 2.62
CA ASN A 301 -50.13 -5.71 1.23
C ASN A 301 -49.06 -5.29 0.26
N VAL A 302 -48.26 -4.26 0.61
CA VAL A 302 -47.17 -3.79 -0.26
C VAL A 302 -46.14 -4.90 -0.45
N ILE A 303 -45.77 -5.58 0.64
CA ILE A 303 -44.80 -6.68 0.60
C ILE A 303 -45.29 -7.82 -0.30
N ARG A 304 -46.58 -8.19 -0.20
CA ARG A 304 -47.14 -9.25 -1.05
C ARG A 304 -47.17 -8.83 -2.52
N SER A 305 -47.55 -7.57 -2.80
CA SER A 305 -47.58 -7.06 -4.17
C SER A 305 -46.17 -7.05 -4.75
N LEU A 306 -45.18 -6.68 -3.90
CA LEU A 306 -43.77 -6.66 -4.27
C LEU A 306 -43.27 -8.07 -4.60
N ALA A 307 -43.65 -9.09 -3.80
CA ALA A 307 -43.26 -10.49 -4.01
C ALA A 307 -43.75 -10.96 -5.39
N LEU A 308 -45.02 -10.67 -5.71
CA LEU A 308 -45.60 -11.08 -6.99
C LEU A 308 -45.05 -10.30 -8.19
N GLU A 309 -44.77 -9.00 -8.03
CA GLU A 309 -44.21 -8.17 -9.11
C GLU A 309 -42.76 -8.57 -9.43
N MET A 310 -41.93 -8.75 -8.38
CA MET A 310 -40.55 -9.15 -8.58
C MET A 310 -40.44 -10.54 -9.23
N ARG A 311 -41.34 -11.47 -8.85
CA ARG A 311 -41.34 -12.81 -9.43
C ARG A 311 -41.69 -12.77 -10.91
N LYS A 312 -42.69 -11.95 -11.28
CA LYS A 312 -43.11 -11.75 -12.67
C LYS A 312 -41.94 -11.18 -13.48
N GLU A 313 -41.26 -10.14 -12.95
CA GLU A 313 -40.11 -9.53 -13.62
C GLU A 313 -38.95 -10.51 -13.74
N GLN A 314 -38.68 -11.28 -12.69
CA GLN A 314 -37.59 -12.26 -12.69
C GLN A 314 -37.80 -13.31 -13.77
N GLU A 315 -39.04 -13.82 -13.87
CA GLU A 315 -39.40 -14.85 -14.83
C GLU A 315 -39.36 -14.35 -16.29
N SER A 316 -39.49 -13.03 -16.50
CA SER A 316 -39.41 -12.41 -17.84
C SER A 316 -37.96 -12.29 -18.33
N LEU A 317 -36.98 -12.49 -17.43
CA LEU A 317 -35.56 -12.34 -17.76
C LEU A 317 -34.89 -13.58 -18.31
N SER A 318 -33.80 -13.36 -19.07
CA SER A 318 -32.91 -14.40 -19.62
C SER A 318 -31.49 -13.85 -19.65
N LYS A 319 -30.51 -14.70 -19.99
CA LYS A 319 -29.11 -14.29 -20.10
C LYS A 319 -28.91 -13.15 -21.11
N GLN A 320 -29.79 -13.06 -22.13
CA GLN A 320 -29.72 -12.03 -23.17
C GLN A 320 -29.97 -10.61 -22.65
N ASP A 321 -30.59 -10.50 -21.44
CA ASP A 321 -30.88 -9.23 -20.78
C ASP A 321 -29.67 -8.74 -19.98
N ILE A 322 -28.66 -9.62 -19.79
CA ILE A 322 -27.49 -9.30 -19.00
C ILE A 322 -26.32 -8.95 -19.91
N GLU A 323 -26.11 -7.65 -20.14
CA GLU A 323 -25.09 -7.14 -21.06
C GLU A 323 -24.02 -6.33 -20.37
N PHE A 324 -22.80 -6.38 -20.92
CA PHE A 324 -21.66 -5.62 -20.43
C PHE A 324 -20.88 -5.07 -21.61
N GLU A 325 -20.17 -3.96 -21.37
CA GLU A 325 -19.21 -3.41 -22.30
C GLU A 325 -17.86 -3.95 -21.84
N CYS A 326 -17.13 -4.65 -22.74
CA CYS A 326 -15.84 -5.32 -22.52
C CYS A 326 -14.75 -4.79 -23.45
N ILE A 327 -13.48 -4.90 -23.03
CA ILE A 327 -12.35 -4.47 -23.83
C ILE A 327 -11.98 -5.61 -24.79
N ALA A 328 -12.15 -5.36 -26.10
CA ALA A 328 -11.84 -6.30 -27.17
C ALA A 328 -10.36 -6.22 -27.52
N SER A 329 -9.80 -4.98 -27.55
CA SER A 329 -8.39 -4.70 -27.87
C SER A 329 -7.96 -3.34 -27.33
N PHE A 330 -6.69 -2.98 -27.56
CA PHE A 330 -6.12 -1.70 -27.17
C PHE A 330 -5.58 -1.06 -28.42
N ASN A 331 -5.76 0.26 -28.53
CA ASN A 331 -5.34 1.10 -29.63
C ASN A 331 -3.84 1.02 -29.84
N GLU A 332 -3.44 0.65 -31.05
CA GLU A 332 -2.06 0.49 -31.47
C GLU A 332 -1.23 1.76 -31.30
N GLN A 333 -1.80 2.93 -31.67
CA GLN A 333 -1.14 4.25 -31.59
C GLN A 333 -1.23 4.92 -30.21
N THR A 334 -2.34 4.71 -29.48
CA THR A 334 -2.65 5.37 -28.21
C THR A 334 -2.53 4.47 -26.97
N GLY A 335 -3.08 3.27 -27.06
CA GLY A 335 -3.12 2.34 -25.94
C GLY A 335 -4.46 2.37 -25.24
N GLU A 336 -5.39 3.25 -25.68
CA GLU A 336 -6.75 3.39 -25.18
C GLU A 336 -7.50 2.09 -25.44
N PRO A 337 -8.45 1.68 -24.58
CA PRO A 337 -9.14 0.42 -24.87
C PRO A 337 -10.30 0.58 -25.84
N GLU A 338 -10.46 -0.41 -26.73
CA GLU A 338 -11.52 -0.51 -27.72
C GLU A 338 -12.60 -1.40 -27.10
N TRP A 339 -13.77 -0.82 -26.88
CA TRP A 339 -14.89 -1.48 -26.20
C TRP A 339 -15.89 -2.16 -27.15
N GLU A 340 -16.51 -3.25 -26.67
CA GLU A 340 -17.50 -4.05 -27.40
C GLU A 340 -18.59 -4.53 -26.47
N THR A 341 -19.86 -4.57 -26.93
CA THR A 341 -20.98 -4.99 -26.09
C THR A 341 -21.33 -6.46 -26.30
N LEU A 342 -21.45 -7.22 -25.19
CA LEU A 342 -21.79 -8.64 -25.19
C LEU A 342 -22.76 -9.01 -24.09
N ASN A 343 -23.74 -9.87 -24.37
CA ASN A 343 -24.60 -10.44 -23.34
C ASN A 343 -23.85 -11.69 -22.84
N ILE A 344 -24.14 -12.13 -21.62
CA ILE A 344 -23.44 -13.28 -21.03
C ILE A 344 -23.56 -14.61 -21.80
N ARG A 345 -24.67 -14.81 -22.52
CA ARG A 345 -24.84 -16.01 -23.34
C ARG A 345 -23.85 -16.03 -24.51
N GLU A 346 -23.60 -14.86 -25.16
CA GLU A 346 -22.61 -14.75 -26.24
C GLU A 346 -21.23 -15.13 -25.73
N MET A 347 -20.89 -14.71 -24.48
CA MET A 347 -19.60 -15.03 -23.86
C MET A 347 -19.45 -16.55 -23.69
N GLU A 348 -20.53 -17.21 -23.22
CA GLU A 348 -20.58 -18.65 -23.01
C GLU A 348 -20.40 -19.44 -24.31
N ILE A 349 -21.12 -19.03 -25.37
CA ILE A 349 -21.06 -19.68 -26.69
C ILE A 349 -19.65 -19.60 -27.25
N LEU A 350 -19.04 -18.39 -27.24
CA LEU A 350 -17.68 -18.17 -27.74
C LEU A 350 -16.69 -19.04 -26.99
N ALA A 351 -16.88 -19.19 -25.66
CA ALA A 351 -16.02 -20.03 -24.82
C ALA A 351 -16.22 -21.52 -25.14
N GLU A 352 -17.47 -21.93 -25.42
CA GLU A 352 -17.80 -23.31 -25.76
C GLU A 352 -17.23 -23.70 -27.13
N SER A 353 -17.14 -22.72 -28.05
CA SER A 353 -16.59 -22.90 -29.39
C SER A 353 -15.09 -23.10 -29.32
N GLU A 354 -14.39 -22.29 -28.50
CA GLU A 354 -12.94 -22.38 -28.27
C GLU A 354 -12.59 -23.74 -27.66
N TYR A 355 -13.37 -24.17 -26.66
CA TYR A 355 -13.19 -25.45 -25.97
C TYR A 355 -13.35 -26.64 -26.92
N ARG A 356 -14.43 -26.63 -27.73
CA ARG A 356 -14.72 -27.69 -28.73
C ARG A 356 -13.59 -27.81 -29.75
N GLU A 357 -13.01 -26.67 -30.17
CA GLU A 357 -11.90 -26.60 -31.11
C GLU A 357 -10.64 -27.15 -30.45
N GLN A 358 -10.44 -26.86 -29.14
CA GLN A 358 -9.30 -27.35 -28.36
C GLN A 358 -9.37 -28.87 -28.16
N GLN A 359 -10.57 -29.41 -27.86
CA GLN A 359 -10.79 -30.84 -27.63
C GLN A 359 -10.75 -31.67 -28.93
N GLN A 360 -10.98 -31.01 -30.09
CA GLN A 360 -10.93 -31.60 -31.43
C GLN A 360 -9.50 -32.01 -31.80
N ILE B 21 14.84 -6.47 -25.76
CA ILE B 21 15.92 -5.57 -25.34
C ILE B 21 17.09 -6.40 -24.77
N LEU B 22 18.34 -6.03 -25.13
CA LEU B 22 19.55 -6.67 -24.61
C LEU B 22 19.72 -6.21 -23.16
N LYS B 23 20.18 -7.14 -22.29
CA LYS B 23 20.39 -6.87 -20.87
C LYS B 23 21.61 -5.97 -20.67
N THR B 24 21.50 -5.02 -19.72
CA THR B 24 22.56 -4.07 -19.39
C THR B 24 23.16 -4.48 -18.04
N LYS B 25 24.42 -4.93 -18.07
CA LYS B 25 25.13 -5.36 -16.87
C LYS B 25 25.48 -4.19 -15.96
N TYR B 26 25.59 -4.47 -14.65
CA TYR B 26 25.85 -3.43 -13.66
C TYR B 26 26.72 -3.93 -12.50
N GLY B 27 26.93 -3.03 -11.53
CA GLY B 27 27.71 -3.31 -10.34
C GLY B 27 29.20 -3.28 -10.56
N PHE B 28 29.95 -3.96 -9.67
CA PHE B 28 31.39 -4.03 -9.73
C PHE B 28 31.84 -4.60 -11.06
N ASP B 29 32.67 -3.82 -11.80
CA ASP B 29 33.25 -4.16 -13.10
C ASP B 29 32.18 -4.62 -14.14
N ASN B 30 30.91 -4.16 -13.94
CA ASN B 30 29.73 -4.48 -14.76
C ASN B 30 29.58 -5.99 -14.95
N LEU B 31 29.75 -6.75 -13.85
CA LEU B 31 29.69 -8.21 -13.89
C LEU B 31 28.34 -8.80 -13.51
N TYR B 32 27.43 -7.97 -12.99
CA TYR B 32 26.15 -8.43 -12.46
C TYR B 32 24.91 -8.10 -13.28
N ASP B 33 23.84 -8.86 -13.06
CA ASP B 33 22.54 -8.72 -13.71
C ASP B 33 21.48 -9.47 -12.90
N THR B 34 20.19 -9.23 -13.21
CA THR B 34 18.98 -9.86 -12.65
C THR B 34 18.67 -9.60 -11.18
N VAL B 35 19.71 -9.62 -10.34
CA VAL B 35 19.70 -9.43 -8.89
C VAL B 35 18.81 -8.24 -8.43
N ILE B 36 19.07 -7.02 -8.97
CA ILE B 36 18.36 -5.79 -8.64
C ILE B 36 16.86 -5.85 -8.93
N SER B 37 16.45 -6.27 -10.16
CA SER B 37 15.01 -6.39 -10.49
C SER B 37 14.25 -7.36 -9.53
N VAL B 38 14.88 -8.50 -9.18
CA VAL B 38 14.30 -9.48 -8.25
C VAL B 38 14.12 -8.81 -6.85
N SER B 39 15.10 -7.99 -6.41
CA SER B 39 15.07 -7.29 -5.13
C SER B 39 13.91 -6.28 -5.03
N THR B 40 13.56 -5.63 -6.15
CA THR B 40 12.48 -4.63 -6.20
C THR B 40 11.13 -5.28 -5.90
N SER B 41 11.02 -6.61 -6.11
CA SER B 41 9.82 -7.37 -5.78
C SER B 41 9.78 -7.68 -4.27
N ASN B 42 10.93 -7.51 -3.58
CA ASN B 42 11.07 -7.74 -2.15
C ASN B 42 11.08 -6.48 -1.28
N GLY B 43 10.78 -5.33 -1.88
CA GLY B 43 10.71 -4.06 -1.17
C GLY B 43 11.96 -3.23 -1.23
N ASN B 44 12.80 -3.43 -2.28
CA ASN B 44 14.01 -2.60 -2.44
C ASN B 44 13.63 -1.19 -2.85
N ASP B 45 13.44 -0.31 -1.86
CA ASP B 45 13.11 1.09 -2.10
C ASP B 45 14.36 1.98 -2.20
N ILE B 46 15.58 1.39 -2.21
CA ILE B 46 16.81 2.13 -2.44
C ILE B 46 16.93 2.33 -3.95
N ASN B 47 16.70 1.26 -4.73
CA ASN B 47 16.78 1.35 -6.17
C ASN B 47 15.84 2.45 -6.66
N GLU B 48 16.37 3.30 -7.54
CA GLU B 48 15.64 4.42 -8.12
C GLU B 48 15.50 4.33 -9.64
N LEU B 49 16.11 3.30 -10.27
CA LEU B 49 16.01 3.05 -11.72
C LEU B 49 14.67 2.39 -12.04
N ASP B 50 13.97 2.89 -13.07
CA ASP B 50 12.69 2.33 -13.50
C ASP B 50 12.89 0.93 -14.08
N ASP B 51 13.96 0.73 -14.86
CA ASP B 51 14.26 -0.54 -15.52
C ASP B 51 15.76 -0.88 -15.38
N PRO B 52 16.21 -1.36 -14.19
CA PRO B 52 17.65 -1.64 -13.99
C PRO B 52 18.33 -2.64 -14.94
N GLU B 53 17.55 -3.59 -15.47
CA GLU B 53 18.08 -4.63 -16.36
C GLU B 53 18.24 -4.18 -17.81
N HIS B 54 17.63 -3.05 -18.19
CA HIS B 54 17.68 -2.52 -19.56
C HIS B 54 17.90 -1.01 -19.60
N THR B 55 18.85 -0.51 -18.80
CA THR B 55 19.21 0.90 -18.83
C THR B 55 20.72 1.00 -18.97
N ASP B 56 21.23 1.55 -20.09
CA ASP B 56 22.67 1.69 -20.26
C ASP B 56 23.27 2.77 -19.35
N ALA B 57 24.60 2.75 -19.17
CA ALA B 57 25.33 3.69 -18.31
C ALA B 57 24.95 5.15 -18.51
N ASN B 58 24.87 5.61 -19.78
CA ASN B 58 24.52 7.00 -20.07
C ASN B 58 23.08 7.33 -19.73
N ASP B 59 22.16 6.38 -19.97
CA ASP B 59 20.75 6.59 -19.62
C ASP B 59 20.53 6.62 -18.10
N ARG B 60 21.40 5.94 -17.31
CA ARG B 60 21.35 5.98 -15.85
C ARG B 60 21.63 7.41 -15.36
N VAL B 61 22.64 8.09 -15.97
CA VAL B 61 23.01 9.48 -15.66
C VAL B 61 21.81 10.40 -16.01
N ILE B 62 21.24 10.27 -17.23
CA ILE B 62 20.08 11.08 -17.67
C ILE B 62 18.90 10.95 -16.71
N GLU B 63 18.53 9.70 -16.35
CA GLU B 63 17.42 9.40 -15.43
C GLU B 63 17.69 9.98 -14.06
N ARG B 64 18.91 9.81 -13.54
CA ARG B 64 19.31 10.32 -12.23
C ARG B 64 19.14 11.82 -12.15
N LEU B 65 19.70 12.55 -13.12
CA LEU B 65 19.63 14.02 -13.15
C LEU B 65 18.19 14.54 -13.21
N ARG B 66 17.33 13.87 -13.99
CA ARG B 66 15.93 14.24 -14.12
C ARG B 66 15.20 14.00 -12.79
N LYS B 67 15.44 12.83 -12.15
CA LYS B 67 14.81 12.46 -10.90
C LYS B 67 15.29 13.29 -9.71
N GLU B 68 16.57 13.73 -9.70
CA GLU B 68 17.15 14.58 -8.65
C GLU B 68 16.46 15.94 -8.65
N ASN B 69 16.24 16.52 -9.84
CA ASN B 69 15.56 17.80 -10.00
C ASN B 69 14.09 17.68 -9.56
N LEU B 70 13.45 16.52 -9.82
CA LEU B 70 12.05 16.28 -9.38
C LEU B 70 11.98 16.07 -7.87
N LYS B 71 13.01 15.42 -7.29
CA LYS B 71 13.08 15.09 -5.86
C LYS B 71 13.32 16.31 -4.99
N PHE B 72 14.27 17.18 -5.40
CA PHE B 72 14.60 18.37 -4.66
C PHE B 72 13.35 19.18 -4.31
N ASP B 73 13.20 19.53 -3.02
CA ASP B 73 12.10 20.36 -2.53
C ASP B 73 12.65 21.70 -2.01
N PRO B 74 12.52 22.80 -2.80
CA PRO B 74 13.06 24.10 -2.36
C PRO B 74 12.45 24.62 -1.06
N GLU B 75 11.14 24.39 -0.83
CA GLU B 75 10.46 24.83 0.39
C GLU B 75 11.00 24.13 1.63
N TYR B 76 11.28 22.82 1.52
CA TYR B 76 11.88 22.00 2.57
C TYR B 76 13.29 22.55 2.83
N TYR B 77 14.10 22.78 1.75
CA TYR B 77 15.46 23.29 1.85
C TYR B 77 15.51 24.62 2.60
N VAL B 78 14.70 25.57 2.14
CA VAL B 78 14.55 26.92 2.67
C VAL B 78 14.09 26.91 4.14
N SER B 79 13.13 26.03 4.46
CA SER B 79 12.63 25.87 5.82
C SER B 79 13.74 25.43 6.79
N GLU B 80 14.57 24.46 6.35
CA GLU B 80 15.72 23.91 7.08
C GLU B 80 16.77 25.02 7.34
N TYR B 81 17.03 25.86 6.32
CA TYR B 81 17.99 26.97 6.38
C TYR B 81 17.52 28.01 7.38
N MET B 82 16.22 28.38 7.30
CA MET B 82 15.60 29.37 8.17
C MET B 82 15.51 28.94 9.61
N THR B 83 15.27 27.64 9.84
CA THR B 83 15.24 27.08 11.20
C THR B 83 16.64 27.22 11.81
N HIS B 84 17.69 26.84 11.06
CA HIS B 84 19.07 26.92 11.54
C HIS B 84 19.50 28.34 11.85
N LYS B 85 19.20 29.29 10.96
CA LYS B 85 19.60 30.69 11.08
C LYS B 85 18.74 31.52 12.04
N TYR B 86 17.41 31.34 12.01
CA TYR B 86 16.48 32.16 12.79
C TYR B 86 15.58 31.45 13.82
N GLY B 87 15.63 30.13 13.89
CA GLY B 87 14.81 29.36 14.83
C GLY B 87 15.13 29.60 16.30
N ASN B 88 14.08 29.54 17.16
CA ASN B 88 14.23 29.68 18.61
C ASN B 88 14.76 28.35 19.18
N GLU B 89 14.98 28.26 20.50
CA GLU B 89 15.50 27.03 21.11
C GLU B 89 14.63 25.78 20.92
N GLU B 90 13.29 25.94 20.99
CA GLU B 90 12.30 24.87 20.81
C GLU B 90 12.34 24.33 19.37
N ASP B 91 12.43 25.24 18.36
CA ASP B 91 12.50 24.90 16.93
C ASP B 91 13.78 24.13 16.64
N LEU B 92 14.91 24.62 17.20
CA LEU B 92 16.22 23.99 17.04
C LEU B 92 16.33 22.64 17.76
N GLU B 93 15.65 22.47 18.91
CA GLU B 93 15.66 21.22 19.67
C GLU B 93 14.97 20.11 18.90
N ILE B 94 13.79 20.38 18.33
CA ILE B 94 13.03 19.39 17.54
C ILE B 94 13.75 19.06 16.22
N ASN B 95 14.36 20.06 15.56
CA ASN B 95 15.08 19.88 14.30
C ASN B 95 16.35 19.05 14.50
N GLY B 96 17.22 19.48 15.42
CA GLY B 96 18.45 18.78 15.73
C GLY B 96 19.69 19.19 14.97
N ILE B 97 19.57 20.16 14.03
CA ILE B 97 20.71 20.63 13.23
C ILE B 97 21.96 21.07 14.01
N LYS B 98 21.79 21.88 15.07
CA LYS B 98 22.92 22.35 15.84
C LYS B 98 23.71 21.24 16.53
N GLU B 99 23.00 20.18 16.98
CA GLU B 99 23.64 19.03 17.62
C GLU B 99 24.39 18.19 16.61
N LEU B 100 23.82 17.98 15.40
CA LEU B 100 24.46 17.24 14.32
C LEU B 100 25.75 17.92 13.89
N LEU B 101 25.72 19.27 13.77
CA LEU B 101 26.87 20.05 13.36
C LEU B 101 28.05 20.01 14.33
N LYS B 102 27.80 19.63 15.60
CA LYS B 102 28.83 19.51 16.66
C LYS B 102 29.37 18.07 16.76
N PHE B 103 28.72 17.10 16.12
CA PHE B 103 29.05 15.67 16.21
C PHE B 103 30.26 15.22 15.38
N THR B 104 31.12 14.39 16.00
CA THR B 104 32.27 13.83 15.33
C THR B 104 32.16 12.29 15.38
N PRO B 105 31.95 11.59 14.24
CA PRO B 105 31.89 10.11 14.29
C PRO B 105 33.18 9.53 14.84
N SER B 106 33.08 8.32 15.35
CA SER B 106 34.18 7.61 16.01
C SER B 106 35.43 7.45 15.13
N ILE B 107 35.24 7.11 13.84
CA ILE B 107 36.33 6.90 12.88
C ILE B 107 37.17 8.17 12.72
N VAL B 108 36.49 9.33 12.69
CA VAL B 108 37.13 10.64 12.57
C VAL B 108 37.85 11.00 13.88
N LYS B 109 37.21 10.76 15.05
CA LYS B 109 37.83 11.01 16.35
C LYS B 109 39.13 10.24 16.47
N GLN B 110 39.16 8.96 16.00
CA GLN B 110 40.35 8.10 16.00
C GLN B 110 41.47 8.79 15.21
N TYR B 111 41.16 9.26 13.97
CA TYR B 111 42.14 9.97 13.13
C TYR B 111 42.64 11.24 13.80
N LEU B 112 41.72 12.13 14.22
CA LEU B 112 42.06 13.41 14.85
C LEU B 112 42.87 13.23 16.11
N GLN B 113 42.56 12.21 16.92
CA GLN B 113 43.32 11.93 18.14
C GLN B 113 44.76 11.49 17.80
N TRP B 114 44.92 10.68 16.73
CA TRP B 114 46.23 10.21 16.28
C TRP B 114 47.03 11.37 15.71
N TYR B 115 46.39 12.15 14.82
CA TYR B 115 46.99 13.30 14.13
C TYR B 115 47.58 14.34 15.10
N LYS B 116 46.83 14.67 16.17
CA LYS B 116 47.17 15.64 17.23
C LYS B 116 48.51 15.32 17.89
N ASP B 117 48.83 14.02 18.06
CA ASP B 117 50.05 13.52 18.70
C ASP B 117 51.16 13.00 17.78
N SER B 118 50.84 12.67 16.52
CA SER B 118 51.81 12.17 15.55
C SER B 118 52.95 13.18 15.33
N THR B 119 54.22 12.69 15.39
CA THR B 119 55.43 13.51 15.21
C THR B 119 55.56 13.92 13.74
N ASN B 120 55.17 13.01 12.83
CA ASN B 120 55.11 13.22 11.40
C ASN B 120 53.68 12.88 10.97
N PRO B 121 52.83 13.91 10.79
CA PRO B 121 51.44 13.66 10.46
C PRO B 121 51.11 13.52 8.96
N ASN B 122 52.16 13.54 8.07
CA ASN B 122 52.05 13.30 6.62
C ASN B 122 52.09 11.79 6.34
N LEU B 123 52.47 10.97 7.33
CA LEU B 123 52.52 9.51 7.21
C LEU B 123 51.11 8.90 7.33
N VAL B 124 50.96 7.58 7.15
CA VAL B 124 49.64 6.95 7.27
C VAL B 124 49.36 6.56 8.72
N MET B 125 48.09 6.60 9.12
CA MET B 125 47.65 6.28 10.47
C MET B 125 47.78 4.77 10.76
N PRO B 126 48.43 4.36 11.86
CA PRO B 126 48.50 2.92 12.18
C PRO B 126 47.13 2.37 12.60
N ILE B 127 46.78 1.16 12.12
CA ILE B 127 45.48 0.53 12.44
C ILE B 127 45.68 -0.93 12.80
N GLU B 128 45.13 -1.35 13.95
CA GLU B 128 45.13 -2.75 14.36
C GLU B 128 43.67 -3.18 14.26
N PHE B 129 43.38 -4.09 13.30
CA PHE B 129 42.01 -4.59 13.06
C PHE B 129 41.49 -5.40 14.22
N THR B 130 40.25 -5.12 14.62
CA THR B 130 39.59 -5.80 15.74
C THR B 130 39.30 -7.26 15.37
N ASP B 131 39.02 -8.11 16.38
CA ASP B 131 38.65 -9.51 16.18
C ASP B 131 37.44 -9.61 15.22
N GLU B 132 36.42 -8.75 15.40
CA GLU B 132 35.21 -8.72 14.58
C GLU B 132 35.52 -8.38 13.12
N GLU B 133 36.39 -7.37 12.89
CA GLU B 133 36.82 -6.95 11.57
C GLU B 133 37.60 -8.06 10.86
N GLN B 134 38.46 -8.78 11.60
CA GLN B 134 39.23 -9.91 11.06
C GLN B 134 38.30 -11.08 10.66
N LYS B 135 37.31 -11.41 11.52
CA LYS B 135 36.31 -12.44 11.24
C LYS B 135 35.51 -12.04 10.02
N GLN B 136 35.20 -10.73 9.86
CA GLN B 136 34.47 -10.18 8.72
C GLN B 136 35.24 -10.42 7.40
N MET B 137 36.51 -9.99 7.36
CA MET B 137 37.39 -10.18 6.19
C MET B 137 37.61 -11.65 5.82
N GLN B 138 37.57 -12.55 6.83
CA GLN B 138 37.73 -14.00 6.64
C GLN B 138 36.43 -14.68 6.18
N ASP B 139 35.29 -14.39 6.84
CA ASP B 139 34.01 -15.05 6.60
C ASP B 139 33.02 -14.42 5.65
N ASN B 140 33.08 -13.09 5.47
CA ASN B 140 32.07 -12.37 4.67
C ASN B 140 32.50 -11.87 3.30
N LEU B 141 33.80 -11.78 3.06
CA LEU B 141 34.30 -11.26 1.78
C LEU B 141 34.73 -12.33 0.79
N PRO B 142 34.57 -12.08 -0.54
CA PRO B 142 35.03 -13.08 -1.53
C PRO B 142 36.55 -13.32 -1.46
N LYS B 143 36.97 -14.54 -1.79
CA LYS B 143 38.38 -14.93 -1.72
C LYS B 143 39.11 -14.94 -3.06
N LYS B 144 38.39 -14.59 -4.15
CA LYS B 144 38.92 -14.51 -5.51
C LYS B 144 39.98 -13.42 -5.69
N SER B 145 40.85 -13.58 -6.69
CA SER B 145 41.87 -12.59 -7.05
C SER B 145 41.27 -11.62 -8.06
N TYR B 146 41.75 -10.36 -8.08
CA TYR B 146 41.22 -9.34 -9.00
C TYR B 146 42.23 -8.86 -10.02
N LEU B 147 41.75 -8.73 -11.27
CA LEU B 147 42.49 -8.24 -12.44
C LEU B 147 41.59 -7.23 -13.14
N VAL B 148 41.33 -6.11 -12.46
CA VAL B 148 40.47 -5.04 -12.97
C VAL B 148 41.33 -4.03 -13.71
N GLU B 149 40.99 -3.79 -14.98
CA GLU B 149 41.69 -2.84 -15.83
C GLU B 149 41.32 -1.40 -15.47
N ASP B 150 40.00 -1.10 -15.43
CA ASP B 150 39.49 0.25 -15.15
C ASP B 150 39.25 0.49 -13.67
N ILE B 151 40.30 0.95 -12.98
CA ILE B 151 40.31 1.23 -11.54
C ILE B 151 39.78 2.61 -11.13
N LYS B 152 39.81 3.61 -12.03
CA LYS B 152 39.33 4.97 -11.76
C LYS B 152 37.85 5.01 -11.27
N PRO B 153 36.86 4.30 -11.91
CA PRO B 153 35.49 4.32 -11.38
C PRO B 153 35.37 3.72 -9.99
N LEU B 154 36.30 2.78 -9.64
CA LEU B 154 36.34 2.12 -8.34
C LEU B 154 36.79 3.04 -7.23
N TYR B 155 37.83 3.84 -7.50
CA TYR B 155 38.29 4.82 -6.52
C TYR B 155 37.23 5.92 -6.32
N VAL B 156 36.52 6.32 -7.41
CA VAL B 156 35.43 7.30 -7.35
C VAL B 156 34.27 6.68 -6.55
N THR B 157 34.01 5.36 -6.70
CA THR B 157 32.96 4.68 -5.93
C THR B 157 33.30 4.74 -4.44
N ILE B 158 34.59 4.50 -4.07
CA ILE B 158 35.07 4.56 -2.68
C ILE B 158 34.79 5.94 -2.10
N LEU B 159 35.08 7.00 -2.86
CA LEU B 159 34.83 8.39 -2.51
C LEU B 159 33.33 8.62 -2.17
N SER B 160 32.41 8.29 -3.12
CA SER B 160 30.95 8.48 -2.98
C SER B 160 30.34 7.66 -1.85
N VAL B 161 30.79 6.42 -1.70
CA VAL B 161 30.33 5.53 -0.65
C VAL B 161 30.84 5.97 0.74
N LEU B 162 32.05 6.60 0.80
CA LEU B 162 32.58 7.17 2.05
C LEU B 162 31.77 8.38 2.52
N PHE B 163 31.32 9.23 1.57
CA PHE B 163 30.48 10.39 1.88
C PHE B 163 29.15 9.89 2.46
N SER B 164 28.51 8.87 1.80
CA SER B 164 27.24 8.28 2.27
C SER B 164 27.38 7.80 3.70
N TYR B 165 28.46 7.05 3.98
CA TYR B 165 28.77 6.50 5.28
C TYR B 165 28.94 7.60 6.33
N VAL B 166 29.77 8.60 6.03
CA VAL B 166 30.05 9.71 6.96
C VAL B 166 28.79 10.50 7.29
N PHE B 167 28.02 10.84 6.25
CA PHE B 167 26.79 11.60 6.40
C PHE B 167 25.83 10.84 7.36
N GLU B 168 25.66 9.53 7.13
CA GLU B 168 24.80 8.68 7.95
C GLU B 168 25.33 8.67 9.39
N GLN B 169 26.65 8.49 9.58
CA GLN B 169 27.29 8.48 10.89
C GLN B 169 26.98 9.75 11.70
N ILE B 170 26.97 10.93 11.06
CA ILE B 170 26.64 12.22 11.68
C ILE B 170 25.14 12.30 11.97
N GLU B 171 24.31 12.10 10.92
CA GLU B 171 22.87 12.19 11.05
C GLU B 171 22.26 11.36 12.16
N ASN B 172 22.84 10.20 12.43
CA ASN B 172 22.39 9.28 13.47
C ASN B 172 23.23 9.34 14.73
N GLU B 173 24.17 10.32 14.81
CA GLU B 173 25.03 10.51 15.97
C GLU B 173 25.73 9.20 16.41
N GLY B 174 26.24 8.50 15.41
CA GLY B 174 27.03 7.28 15.55
C GLY B 174 26.31 5.98 15.86
N THR B 175 24.97 5.99 15.93
CA THR B 175 24.23 4.75 16.21
C THR B 175 23.47 4.35 14.94
N HIS B 176 23.62 3.12 14.45
CA HIS B 176 22.86 2.73 13.27
C HIS B 176 21.39 2.54 13.61
N THR B 177 20.53 2.73 12.61
CA THR B 177 19.10 2.52 12.69
C THR B 177 18.75 1.48 11.61
N THR B 178 17.48 1.06 11.56
CA THR B 178 16.96 0.13 10.57
C THR B 178 17.02 0.76 9.15
N GLU B 179 17.19 2.10 9.06
CA GLU B 179 17.21 2.85 7.81
C GLU B 179 18.57 3.43 7.44
N SER B 180 19.63 2.98 8.13
CA SER B 180 21.02 3.43 7.89
C SER B 180 21.48 3.11 6.47
N ALA B 181 21.15 1.91 5.96
CA ALA B 181 21.49 1.49 4.60
C ALA B 181 20.70 2.30 3.57
N TRP B 182 19.43 2.65 3.89
CA TRP B 182 18.61 3.45 2.98
C TRP B 182 19.32 4.77 2.76
N THR B 183 19.75 5.42 3.86
CA THR B 183 20.47 6.70 3.84
C THR B 183 21.74 6.57 3.03
N MET B 184 22.56 5.53 3.31
CA MET B 184 23.79 5.25 2.61
C MET B 184 23.59 4.99 1.11
N GLY B 185 22.56 4.22 0.74
CA GLY B 185 22.27 3.91 -0.65
C GLY B 185 21.72 5.09 -1.43
N LYS B 186 20.94 5.95 -0.76
CA LYS B 186 20.35 7.13 -1.41
C LYS B 186 21.33 8.25 -1.77
N LEU B 187 22.32 8.55 -0.91
CA LEU B 187 23.31 9.62 -1.16
C LEU B 187 24.44 9.17 -2.10
N CYS B 188 24.42 7.88 -2.46
CA CYS B 188 25.37 7.19 -3.31
C CYS B 188 24.80 6.91 -4.71
N PRO B 189 25.26 7.64 -5.76
CA PRO B 189 24.73 7.38 -7.11
C PRO B 189 25.05 6.00 -7.69
N GLN B 190 26.17 5.39 -7.25
CA GLN B 190 26.62 4.05 -7.69
C GLN B 190 25.70 2.94 -7.14
N ILE B 191 24.87 3.29 -6.13
CA ILE B 191 23.93 2.38 -5.49
C ILE B 191 22.50 2.61 -5.98
N SER B 192 21.91 3.79 -5.65
CA SER B 192 20.53 4.09 -6.01
C SER B 192 20.28 4.07 -7.51
N PHE B 193 21.27 4.49 -8.29
CA PHE B 193 21.19 4.56 -9.74
C PHE B 193 22.16 3.69 -10.49
N LEU B 194 22.91 2.80 -9.79
CA LEU B 194 23.91 1.89 -10.37
C LEU B 194 24.82 2.65 -11.38
N ASP B 195 25.05 3.94 -11.10
CA ASP B 195 25.78 4.91 -11.91
C ASP B 195 27.22 5.16 -11.42
N GLN B 196 28.21 4.54 -12.11
CA GLN B 196 29.65 4.70 -11.83
C GLN B 196 30.27 5.73 -12.80
N GLN B 197 29.49 6.16 -13.80
CA GLN B 197 29.88 7.11 -14.83
C GLN B 197 29.80 8.56 -14.36
N LEU B 198 28.68 8.94 -13.69
CA LEU B 198 28.43 10.26 -13.11
C LEU B 198 28.23 11.42 -14.10
N LYS B 199 29.02 11.43 -15.19
CA LYS B 199 29.01 12.46 -16.22
C LYS B 199 28.34 11.93 -17.50
N GLN B 200 27.47 12.74 -18.14
CA GLN B 200 26.81 12.38 -19.39
C GLN B 200 27.80 12.44 -20.54
N VAL B 201 27.58 11.63 -21.58
CA VAL B 201 28.36 11.71 -22.80
C VAL B 201 27.56 12.70 -23.67
N ASN B 202 28.20 13.79 -24.17
CA ASN B 202 27.54 14.83 -24.96
C ASN B 202 27.02 14.38 -26.32
N ASP B 217 40.39 12.81 -14.46
CA ASP B 217 40.10 12.39 -13.09
C ASP B 217 39.50 13.52 -12.26
N SER B 218 40.22 14.68 -12.16
CA SER B 218 39.83 15.90 -11.44
C SER B 218 38.35 16.36 -11.61
N SER B 219 37.84 16.45 -12.86
CA SER B 219 36.46 16.85 -13.13
C SER B 219 35.51 15.80 -12.59
N LEU B 220 35.82 14.50 -12.75
CA LEU B 220 35.00 13.40 -12.21
C LEU B 220 34.92 13.48 -10.68
N ILE B 221 36.03 13.84 -10.02
CA ILE B 221 36.07 14.03 -8.57
C ILE B 221 35.13 15.18 -8.16
N LYS B 222 35.23 16.33 -8.86
CA LYS B 222 34.38 17.50 -8.61
C LYS B 222 32.90 17.12 -8.79
N ILE B 223 32.55 16.34 -9.86
CA ILE B 223 31.19 15.86 -10.13
C ILE B 223 30.72 14.98 -9.00
N ALA B 224 31.60 14.09 -8.50
CA ALA B 224 31.25 13.21 -7.39
C ALA B 224 30.90 14.03 -6.14
N ILE B 225 31.67 15.11 -5.86
CA ILE B 225 31.42 15.98 -4.70
C ILE B 225 30.10 16.74 -4.85
N ILE B 226 29.87 17.39 -6.02
CA ILE B 226 28.63 18.11 -6.30
C ILE B 226 27.44 17.17 -6.20
N THR B 227 27.53 15.94 -6.79
CA THR B 227 26.48 14.93 -6.73
C THR B 227 26.08 14.61 -5.28
N GLY B 228 27.09 14.37 -4.44
CA GLY B 228 26.90 14.09 -3.01
C GLY B 228 26.16 15.19 -2.33
N ILE B 229 26.54 16.46 -2.60
CA ILE B 229 25.86 17.62 -2.04
C ILE B 229 24.42 17.70 -2.54
N ARG B 230 24.20 17.64 -3.87
CA ARG B 230 22.84 17.69 -4.43
C ARG B 230 21.93 16.63 -3.82
N ARG B 231 22.41 15.38 -3.70
CA ARG B 231 21.67 14.26 -3.10
C ARG B 231 21.43 14.42 -1.60
N ALA B 232 22.39 15.03 -0.87
CA ALA B 232 22.30 15.28 0.59
C ALA B 232 21.32 16.44 0.93
N LEU B 233 20.94 17.24 -0.08
CA LEU B 233 19.98 18.34 0.04
C LEU B 233 18.62 17.97 -0.58
N SER B 234 18.46 16.71 -1.09
CA SER B 234 17.26 16.23 -1.78
C SER B 234 16.60 14.98 -1.17
N TYR B 235 17.40 14.10 -0.55
CA TYR B 235 16.91 12.83 -0.02
C TYR B 235 16.83 12.65 1.51
N PRO B 236 17.81 13.09 2.33
CA PRO B 236 17.75 12.78 3.75
C PRO B 236 16.84 13.68 4.56
N LEU B 237 16.70 13.36 5.85
CA LEU B 237 15.85 14.07 6.80
C LEU B 237 16.34 15.49 6.98
N HIS B 238 17.66 15.67 7.19
CA HIS B 238 18.28 16.97 7.39
C HIS B 238 18.90 17.38 6.08
N ARG B 239 18.41 18.46 5.48
CA ARG B 239 18.92 18.96 4.20
C ARG B 239 19.57 20.32 4.41
N ASN B 240 20.89 20.28 4.66
CA ASN B 240 21.66 21.46 5.02
C ASN B 240 23.04 21.44 4.33
N TYR B 241 23.39 22.54 3.64
CA TYR B 241 24.66 22.68 2.92
C TYR B 241 25.91 22.54 3.82
N ASP B 242 25.86 23.17 5.00
CA ASP B 242 26.97 23.09 5.95
C ASP B 242 27.18 21.66 6.43
N LEU B 243 26.08 20.91 6.59
CA LEU B 243 26.11 19.52 7.01
C LEU B 243 26.73 18.65 5.92
N ALA B 244 26.35 18.86 4.65
CA ALA B 244 26.93 18.15 3.50
C ALA B 244 28.44 18.41 3.40
N MET B 245 28.86 19.69 3.52
CA MET B 245 30.28 20.05 3.48
C MET B 245 31.08 19.47 4.64
N LYS B 246 30.47 19.37 5.84
CA LYS B 246 31.07 18.76 7.03
C LYS B 246 31.40 17.29 6.73
N ALA B 247 30.46 16.57 6.09
CA ALA B 247 30.64 15.17 5.73
C ALA B 247 31.79 15.00 4.73
N TRP B 248 31.89 15.88 3.71
CA TRP B 248 33.00 15.82 2.74
C TRP B 248 34.35 16.10 3.41
N THR B 249 34.38 16.99 4.41
CA THR B 249 35.61 17.30 5.16
C THR B 249 36.06 16.04 5.90
N PHE B 250 35.12 15.29 6.48
CA PHE B 250 35.44 14.06 7.20
C PHE B 250 35.90 12.94 6.29
N VAL B 251 35.40 12.91 5.01
CA VAL B 251 35.86 11.95 3.99
C VAL B 251 37.34 12.22 3.71
N TYR B 252 37.71 13.52 3.59
CA TYR B 252 39.08 13.94 3.37
C TYR B 252 40.00 13.37 4.45
N TYR B 253 39.59 13.48 5.74
CA TYR B 253 40.36 12.97 6.87
C TYR B 253 40.49 11.46 6.82
N ILE B 254 39.40 10.72 6.50
CA ILE B 254 39.43 9.26 6.39
C ILE B 254 40.44 8.85 5.33
N LEU B 255 40.37 9.47 4.13
CA LEU B 255 41.30 9.22 3.04
C LEU B 255 42.76 9.52 3.44
N ARG B 256 42.98 10.64 4.16
CA ARG B 256 44.30 11.02 4.69
C ARG B 256 44.86 10.00 5.67
N GLY B 257 43.98 9.36 6.45
CA GLY B 257 44.32 8.31 7.40
C GLY B 257 44.97 7.12 6.72
N GLY B 258 44.58 6.85 5.47
CA GLY B 258 45.17 5.81 4.66
C GLY B 258 44.31 4.60 4.38
N LYS B 259 44.87 3.64 3.63
CA LYS B 259 44.21 2.40 3.21
C LYS B 259 43.46 1.66 4.32
N ARG B 260 44.13 1.39 5.45
CA ARG B 260 43.57 0.66 6.58
C ARG B 260 42.41 1.36 7.25
N LEU B 261 42.46 2.71 7.38
CA LEU B 261 41.35 3.47 7.95
C LEU B 261 40.16 3.39 6.99
N VAL B 262 40.43 3.46 5.65
CA VAL B 262 39.39 3.33 4.63
C VAL B 262 38.76 1.93 4.73
N ILE B 263 39.57 0.88 4.96
CA ILE B 263 39.07 -0.49 5.13
C ILE B 263 38.12 -0.57 6.33
N ARG B 264 38.48 0.06 7.47
CA ARG B 264 37.64 0.11 8.67
C ARG B 264 36.24 0.66 8.31
N ALA B 265 36.18 1.75 7.53
CA ALA B 265 34.93 2.35 7.06
C ALA B 265 34.18 1.41 6.13
N LEU B 266 34.88 0.82 5.13
CA LEU B 266 34.28 -0.11 4.17
C LEU B 266 33.67 -1.32 4.83
N LEU B 267 34.33 -1.85 5.87
CA LEU B 267 33.83 -3.01 6.60
C LEU B 267 32.52 -2.66 7.33
N ASP B 268 32.44 -1.45 7.90
CA ASP B 268 31.25 -0.94 8.58
C ASP B 268 30.07 -0.82 7.57
N ILE B 269 30.33 -0.20 6.39
CA ILE B 269 29.34 -0.06 5.31
C ILE B 269 28.83 -1.45 4.88
N HIS B 270 29.77 -2.37 4.58
CA HIS B 270 29.49 -3.72 4.17
C HIS B 270 28.56 -4.43 5.16
N GLU B 271 28.88 -4.34 6.46
CA GLU B 271 28.09 -4.95 7.53
C GLU B 271 26.67 -4.38 7.63
N THR B 272 26.51 -3.07 7.44
CA THR B 272 25.21 -2.40 7.50
C THR B 272 24.29 -2.95 6.39
N PHE B 273 24.83 -3.17 5.18
CA PHE B 273 24.04 -3.74 4.09
C PHE B 273 23.81 -5.23 4.27
N ARG B 274 24.82 -5.99 4.70
CA ARG B 274 24.81 -7.46 4.89
C ARG B 274 23.71 -7.92 5.85
N PHE B 275 23.45 -7.11 6.86
CA PHE B 275 22.52 -7.35 7.95
C PHE B 275 21.06 -7.16 7.56
N HIS B 276 20.80 -6.38 6.51
CA HIS B 276 19.45 -6.13 6.02
C HIS B 276 19.00 -7.23 5.09
N ASP B 277 17.83 -7.77 5.36
CA ASP B 277 17.21 -8.86 4.61
C ASP B 277 16.90 -8.54 3.13
N VAL B 278 16.97 -7.26 2.73
CA VAL B 278 16.65 -6.80 1.37
C VAL B 278 17.84 -6.11 0.73
N TYR B 279 18.39 -5.11 1.41
CA TYR B 279 19.49 -4.29 0.91
C TYR B 279 20.83 -4.99 0.71
N TYR B 280 20.97 -6.24 1.18
CA TYR B 280 22.20 -7.04 1.05
C TYR B 280 22.61 -7.19 -0.41
N VAL B 281 21.67 -7.02 -1.35
CA VAL B 281 21.94 -7.10 -2.79
C VAL B 281 23.01 -6.12 -3.24
N TYR B 282 23.19 -5.01 -2.52
CA TYR B 282 24.23 -4.04 -2.86
C TYR B 282 25.60 -4.49 -2.46
N ASP B 283 25.66 -5.44 -1.51
CA ASP B 283 26.91 -6.11 -1.16
C ASP B 283 27.18 -7.10 -2.30
N LYS B 284 26.18 -7.93 -2.65
CA LYS B 284 26.32 -8.92 -3.72
C LYS B 284 26.83 -8.32 -5.04
N VAL B 285 26.20 -7.24 -5.52
CA VAL B 285 26.52 -6.59 -6.79
C VAL B 285 27.64 -5.55 -6.76
N LEU B 286 28.00 -5.02 -5.58
CA LEU B 286 29.02 -3.98 -5.57
C LEU B 286 30.01 -4.03 -4.42
N LEU B 287 29.50 -3.98 -3.18
CA LEU B 287 30.31 -3.86 -1.98
C LEU B 287 31.18 -5.03 -1.55
N ASP B 288 30.78 -6.29 -1.87
CA ASP B 288 31.58 -7.48 -1.55
C ASP B 288 32.92 -7.42 -2.29
N ASP B 289 32.84 -7.20 -3.61
CA ASP B 289 33.98 -7.11 -4.51
C ASP B 289 34.82 -5.86 -4.27
N LEU B 290 34.18 -4.69 -4.12
CA LEU B 290 34.84 -3.41 -3.87
C LEU B 290 35.72 -3.44 -2.61
N THR B 291 35.25 -4.09 -1.52
CA THR B 291 36.02 -4.21 -0.29
C THR B 291 37.19 -5.18 -0.52
N ALA B 292 36.90 -6.41 -1.02
CA ALA B 292 37.91 -7.42 -1.31
C ALA B 292 38.95 -6.94 -2.31
N TRP B 293 38.53 -6.22 -3.38
CA TRP B 293 39.45 -5.66 -4.37
C TRP B 293 40.29 -4.58 -3.70
N PHE B 294 39.65 -3.68 -2.94
CA PHE B 294 40.39 -2.63 -2.26
C PHE B 294 41.43 -3.18 -1.28
N ILE B 295 41.05 -4.21 -0.50
CA ILE B 295 41.96 -4.84 0.46
C ILE B 295 43.21 -5.40 -0.23
N SER B 296 43.02 -6.13 -1.33
CA SER B 296 44.14 -6.76 -2.05
C SER B 296 44.89 -5.86 -3.03
N GLN B 297 44.18 -4.93 -3.70
CA GLN B 297 44.74 -4.07 -4.75
C GLN B 297 44.76 -2.56 -4.50
N GLY B 298 44.15 -2.09 -3.41
CA GLY B 298 44.14 -0.66 -3.09
C GLY B 298 45.53 -0.11 -2.90
N SER B 299 45.79 1.08 -3.47
CA SER B 299 47.12 1.71 -3.41
C SER B 299 47.16 2.90 -2.45
N GLU B 300 48.16 2.91 -1.54
CA GLU B 300 48.33 4.00 -0.57
C GLU B 300 48.58 5.33 -1.30
N ASN B 301 49.41 5.30 -2.36
CA ASN B 301 49.71 6.47 -3.19
C ASN B 301 48.45 7.01 -3.87
N VAL B 302 47.62 6.13 -4.45
CA VAL B 302 46.37 6.55 -5.11
C VAL B 302 45.43 7.19 -4.10
N ILE B 303 45.29 6.58 -2.90
CA ILE B 303 44.44 7.09 -1.81
C ILE B 303 44.90 8.49 -1.37
N ARG B 304 46.22 8.70 -1.21
CA ARG B 304 46.74 10.00 -0.81
C ARG B 304 46.52 11.05 -1.89
N SER B 305 46.73 10.69 -3.16
CA SER B 305 46.51 11.60 -4.29
C SER B 305 45.02 11.98 -4.37
N LEU B 306 44.14 10.99 -4.10
CA LEU B 306 42.70 11.17 -4.07
C LEU B 306 42.28 12.14 -2.96
N ALA B 307 42.87 11.99 -1.75
CA ALA B 307 42.59 12.85 -0.60
C ALA B 307 42.89 14.31 -0.93
N LEU B 308 44.06 14.55 -1.54
CA LEU B 308 44.48 15.90 -1.91
C LEU B 308 43.68 16.50 -3.07
N GLU B 309 43.30 15.67 -4.07
CA GLU B 309 42.50 16.13 -5.22
C GLU B 309 41.07 16.49 -4.80
N MET B 310 40.43 15.61 -4.00
CA MET B 310 39.07 15.86 -3.53
C MET B 310 39.00 17.12 -2.63
N ARG B 311 40.03 17.33 -1.79
CA ARG B 311 40.07 18.49 -0.94
C ARG B 311 40.18 19.78 -1.75
N LYS B 312 41.03 19.78 -2.79
CA LYS B 312 41.22 20.90 -3.71
C LYS B 312 39.89 21.22 -4.40
N GLU B 313 39.20 20.18 -4.93
CA GLU B 313 37.90 20.36 -5.60
C GLU B 313 36.83 20.85 -4.63
N GLN B 314 36.80 20.32 -3.40
CA GLN B 314 35.83 20.73 -2.39
C GLN B 314 35.98 22.20 -2.04
N GLU B 315 37.23 22.65 -1.86
CA GLU B 315 37.55 24.03 -1.51
C GLU B 315 37.23 25.02 -2.62
N SER B 316 37.18 24.55 -3.89
CA SER B 316 36.85 25.38 -5.05
C SER B 316 35.34 25.62 -5.17
N LEU B 317 34.53 24.87 -4.41
CA LEU B 317 33.07 24.95 -4.46
C LEU B 317 32.44 25.99 -3.54
N SER B 318 31.24 26.44 -3.93
CA SER B 318 30.37 27.38 -3.19
C SER B 318 28.92 27.02 -3.47
N LYS B 319 27.97 27.68 -2.79
CA LYS B 319 26.52 27.52 -2.95
C LYS B 319 26.07 27.77 -4.40
N GLN B 320 26.81 28.62 -5.10
CA GLN B 320 26.52 28.99 -6.49
C GLN B 320 26.72 27.85 -7.48
N ASP B 321 27.46 26.80 -7.08
CA ASP B 321 27.72 25.61 -7.88
C ASP B 321 26.60 24.56 -7.71
N ILE B 322 25.75 24.73 -6.68
CA ILE B 322 24.67 23.79 -6.38
C ILE B 322 23.32 24.30 -6.93
N GLU B 323 22.98 23.90 -8.18
CA GLU B 323 21.78 24.34 -8.90
C GLU B 323 20.77 23.25 -9.10
N PHE B 324 19.50 23.65 -9.14
CA PHE B 324 18.37 22.74 -9.39
C PHE B 324 17.40 23.42 -10.33
N GLU B 325 16.66 22.61 -11.08
CA GLU B 325 15.56 23.07 -11.91
C GLU B 325 14.32 22.78 -11.04
N CYS B 326 13.53 23.82 -10.76
CA CYS B 326 12.34 23.75 -9.90
C CYS B 326 11.07 24.11 -10.66
N ILE B 327 9.94 23.54 -10.25
CA ILE B 327 8.64 23.82 -10.84
C ILE B 327 8.12 25.10 -10.16
N ALA B 328 8.01 26.18 -10.94
CA ALA B 328 7.50 27.48 -10.50
C ALA B 328 5.95 27.44 -10.49
N SER B 329 5.34 26.79 -11.50
CA SER B 329 3.89 26.64 -11.68
C SER B 329 3.56 25.51 -12.65
N PHE B 330 2.27 25.27 -12.88
CA PHE B 330 1.79 24.29 -13.84
C PHE B 330 0.88 25.02 -14.80
N ASN B 331 0.94 24.69 -16.10
CA ASN B 331 0.00 25.31 -17.05
C ASN B 331 -1.37 24.67 -16.78
N GLU B 332 -2.38 25.48 -16.45
CA GLU B 332 -3.73 25.01 -16.13
C GLU B 332 -4.38 24.22 -17.26
N GLN B 333 -4.21 24.68 -18.52
CA GLN B 333 -4.79 24.07 -19.72
C GLN B 333 -3.99 22.89 -20.26
N THR B 334 -2.66 22.91 -20.06
CA THR B 334 -1.67 21.99 -20.62
C THR B 334 -1.11 20.90 -19.70
N GLY B 335 -0.95 21.22 -18.42
CA GLY B 335 -0.44 20.28 -17.42
C GLY B 335 1.07 20.22 -17.33
N GLU B 336 1.76 20.79 -18.32
CA GLU B 336 3.22 20.83 -18.36
C GLU B 336 3.71 21.75 -17.27
N PRO B 337 4.59 21.23 -16.39
CA PRO B 337 5.17 22.09 -15.36
C PRO B 337 6.08 23.14 -16.00
N GLU B 338 6.03 24.35 -15.45
CA GLU B 338 6.84 25.49 -15.88
C GLU B 338 8.08 25.50 -14.97
N TRP B 339 9.25 25.25 -15.55
CA TRP B 339 10.51 25.12 -14.82
C TRP B 339 11.33 26.41 -14.73
N GLU B 340 12.10 26.53 -13.64
CA GLU B 340 12.99 27.67 -13.37
C GLU B 340 14.29 27.17 -12.72
N THR B 341 15.46 27.72 -13.10
CA THR B 341 16.73 27.32 -12.53
C THR B 341 17.16 28.22 -11.40
N LEU B 342 17.54 27.63 -10.24
CA LEU B 342 17.98 28.37 -9.06
C LEU B 342 19.13 27.67 -8.38
N ASN B 343 20.08 28.43 -7.84
CA ASN B 343 21.09 27.83 -7.00
C ASN B 343 20.62 27.96 -5.54
N ILE B 344 21.19 27.18 -4.63
CA ILE B 344 20.78 27.22 -3.23
C ILE B 344 20.87 28.59 -2.55
N ARG B 345 21.84 29.44 -2.95
CA ARG B 345 21.97 30.78 -2.37
C ARG B 345 20.80 31.70 -2.76
N GLU B 346 20.35 31.64 -4.04
CA GLU B 346 19.20 32.42 -4.53
C GLU B 346 17.96 32.06 -3.73
N MET B 347 17.79 30.76 -3.40
CA MET B 347 16.66 30.27 -2.63
C MET B 347 16.67 30.88 -1.22
N GLU B 348 17.86 30.93 -0.61
CA GLU B 348 18.07 31.50 0.73
C GLU B 348 17.77 33.00 0.78
N ILE B 349 18.27 33.77 -0.22
CA ILE B 349 18.06 35.20 -0.32
C ILE B 349 16.57 35.52 -0.44
N LEU B 350 15.87 34.84 -1.36
CA LEU B 350 14.43 35.02 -1.58
C LEU B 350 13.66 34.73 -0.30
N ALA B 351 14.07 33.70 0.46
CA ALA B 351 13.43 33.35 1.72
C ALA B 351 13.70 34.40 2.80
N GLU B 352 14.93 34.97 2.82
CA GLU B 352 15.31 36.01 3.77
C GLU B 352 14.56 37.32 3.51
N SER B 353 14.25 37.59 2.24
CA SER B 353 13.49 38.77 1.81
C SER B 353 12.03 38.67 2.27
N GLU B 354 11.42 37.48 2.09
CA GLU B 354 10.03 37.20 2.51
C GLU B 354 9.92 37.33 4.04
N TYR B 355 10.90 36.76 4.77
CA TYR B 355 10.94 36.81 6.22
C TYR B 355 11.08 38.23 6.77
N ARG B 356 12.00 39.03 6.18
CA ARG B 356 12.23 40.44 6.55
C ARG B 356 10.96 41.27 6.33
N GLU B 357 10.22 41.00 5.24
CA GLU B 357 8.96 41.66 4.89
C GLU B 357 7.89 41.29 5.93
N GLN B 358 7.88 40.01 6.36
CA GLN B 358 6.95 39.51 7.36
C GLN B 358 7.20 40.13 8.75
N GLN B 359 8.49 40.23 9.14
CA GLN B 359 8.91 40.77 10.44
C GLN B 359 8.90 42.29 10.56
N GLN B 360 9.50 43.01 9.59
CA GLN B 360 9.60 44.48 9.62
C GLN B 360 8.22 45.16 9.51
N ASN B 361 7.33 44.62 8.67
CA ASN B 361 6.01 45.20 8.41
C ASN B 361 4.86 44.57 9.19
N PRO B 362 3.87 45.38 9.66
CA PRO B 362 2.71 44.80 10.35
C PRO B 362 1.75 44.10 9.36
N GLN B 363 1.25 42.91 9.75
CA GLN B 363 0.35 42.08 8.93
C GLN B 363 -1.06 41.97 9.53
N SER C 26 -17.01 7.35 18.48
CA SER C 26 -18.10 7.16 17.53
C SER C 26 -17.59 7.12 16.07
N GLU C 27 -17.11 8.26 15.55
CA GLU C 27 -16.58 8.44 14.19
C GLU C 27 -15.04 8.42 14.18
N TRP C 28 -14.41 8.30 15.38
CA TRP C 28 -12.97 8.28 15.64
C TRP C 28 -12.20 7.28 14.77
N PRO C 29 -10.92 7.55 14.40
CA PRO C 29 -10.19 6.55 13.62
C PRO C 29 -9.84 5.33 14.45
N LEU C 30 -9.74 4.15 13.82
CA LEU C 30 -9.43 2.85 14.45
C LEU C 30 -8.34 2.89 15.54
N LEU C 31 -7.20 3.54 15.24
CA LEU C 31 -6.06 3.66 16.12
C LEU C 31 -6.19 4.76 17.18
N LEU C 32 -7.28 5.52 17.15
CA LEU C 32 -7.54 6.62 18.09
C LEU C 32 -8.70 6.33 19.06
N LYS C 33 -9.25 5.09 19.03
CA LYS C 33 -10.32 4.65 19.92
C LYS C 33 -9.77 4.46 21.33
N ASN C 34 -10.62 4.68 22.36
CA ASN C 34 -10.27 4.65 23.80
C ASN C 34 -9.27 5.79 24.05
N PHE C 35 -9.55 6.95 23.45
CA PHE C 35 -8.72 8.15 23.49
C PHE C 35 -8.40 8.63 24.91
N ASP C 36 -9.31 8.36 25.88
CA ASP C 36 -9.19 8.72 27.30
C ASP C 36 -8.01 7.99 27.95
N LYS C 37 -7.77 6.72 27.52
CA LYS C 37 -6.68 5.84 27.97
C LYS C 37 -5.28 6.42 27.62
N LEU C 38 -5.25 7.46 26.75
CA LEU C 38 -4.04 8.15 26.31
C LEU C 38 -3.78 9.35 27.21
N LEU C 39 -2.62 9.31 27.86
CA LEU C 39 -2.14 10.26 28.83
C LEU C 39 -1.30 11.35 28.18
N VAL C 40 -1.32 12.56 28.76
CA VAL C 40 -0.53 13.70 28.29
C VAL C 40 0.65 13.93 29.21
N ARG C 41 1.60 14.74 28.77
CA ARG C 41 2.76 15.09 29.59
C ARG C 41 2.39 16.16 30.59
N SER C 42 3.06 16.15 31.74
CA SER C 42 2.83 17.16 32.78
C SER C 42 3.44 18.48 32.29
N GLY C 43 2.78 19.58 32.65
CA GLY C 43 3.20 20.93 32.27
C GLY C 43 2.06 21.68 31.61
N SER C 53 -9.30 20.83 10.98
CA SER C 53 -8.87 19.51 11.43
C SER C 53 -8.82 18.50 10.24
N PRO C 54 -7.74 18.51 9.40
CA PRO C 54 -7.70 17.62 8.22
C PRO C 54 -7.86 16.12 8.51
N LEU C 55 -8.58 15.42 7.61
CA LEU C 55 -8.83 14.00 7.72
C LEU C 55 -7.62 13.20 7.25
N LYS C 56 -7.41 12.04 7.86
CA LYS C 56 -6.32 11.12 7.52
C LYS C 56 -6.52 10.47 6.16
N ARG C 57 -5.53 9.73 5.71
CA ARG C 57 -5.56 9.03 4.43
C ARG C 57 -5.71 7.52 4.62
N ASP C 58 -6.05 6.81 3.56
CA ASP C 58 -6.15 5.35 3.54
C ASP C 58 -4.72 4.76 3.75
N LEU C 59 -4.59 3.59 4.42
CA LEU C 59 -3.29 2.96 4.66
C LEU C 59 -2.47 2.81 3.37
N LYS C 60 -3.13 2.35 2.31
CA LYS C 60 -2.59 2.16 0.97
C LYS C 60 -2.02 3.48 0.40
N SER C 61 -2.57 4.64 0.83
CA SER C 61 -2.14 5.98 0.37
C SER C 61 -0.93 6.55 1.13
N TYR C 62 -0.70 6.13 2.40
CA TYR C 62 0.43 6.66 3.16
C TYR C 62 1.56 5.66 3.39
N ILE C 63 1.30 4.37 3.11
CA ILE C 63 2.24 3.30 3.34
C ILE C 63 3.49 3.43 2.45
N SER C 64 4.66 3.15 3.06
CA SER C 64 5.97 3.08 2.42
C SER C 64 5.98 1.92 1.39
N SER C 65 6.93 1.98 0.43
CA SER C 65 7.12 0.96 -0.61
C SER C 65 8.34 0.07 -0.25
N GLY C 66 8.78 0.18 1.01
CA GLY C 66 9.88 -0.57 1.58
C GLY C 66 9.52 -2.01 1.95
N PRO C 67 10.46 -2.70 2.64
CA PRO C 67 10.24 -4.10 3.02
C PRO C 67 9.31 -4.33 4.23
N LEU C 68 8.06 -3.89 4.12
CA LEU C 68 7.07 -3.95 5.19
C LEU C 68 6.53 -5.33 5.57
N GLU C 69 6.85 -6.38 4.77
CA GLU C 69 6.45 -7.75 5.06
C GLU C 69 7.18 -8.33 6.29
N THR C 70 8.22 -7.62 6.80
CA THR C 70 8.93 -7.99 8.04
C THR C 70 8.01 -7.89 9.25
N LEU C 71 6.94 -7.08 9.16
CA LEU C 71 5.91 -6.92 10.20
C LEU C 71 5.15 -8.24 10.48
N LEU C 72 5.27 -9.23 9.57
CA LEU C 72 4.55 -10.51 9.66
C LEU C 72 5.46 -11.73 9.92
N VAL C 73 6.77 -11.48 10.10
CA VAL C 73 7.80 -12.50 10.33
C VAL C 73 7.63 -13.26 11.67
N GLY C 74 6.88 -12.66 12.60
CA GLY C 74 6.56 -13.26 13.90
C GLY C 74 5.64 -14.47 13.85
N TYR C 75 4.66 -14.44 12.90
CA TYR C 75 3.64 -15.48 12.70
C TYR C 75 4.16 -16.76 12.04
N LYS C 76 3.56 -17.91 12.41
CA LYS C 76 3.82 -19.20 11.76
C LYS C 76 3.08 -19.20 10.42
N ARG C 77 3.61 -19.92 9.42
CA ARG C 77 3.07 -19.87 8.05
C ARG C 77 2.38 -21.12 7.53
N ILE C 78 1.44 -20.87 6.62
CA ILE C 78 0.76 -21.87 5.82
C ILE C 78 0.81 -21.34 4.37
N VAL C 79 1.41 -22.14 3.46
CA VAL C 79 1.52 -21.82 2.02
C VAL C 79 0.28 -22.34 1.31
N VAL C 80 -0.40 -21.44 0.59
CA VAL C 80 -1.69 -21.72 -0.07
C VAL C 80 -1.51 -22.01 -1.57
N LYS C 81 -2.20 -23.07 -2.06
CA LYS C 81 -2.20 -23.44 -3.48
C LYS C 81 -2.79 -22.27 -4.26
N ASP C 82 -2.23 -21.93 -5.43
CA ASP C 82 -2.71 -20.79 -6.23
C ASP C 82 -4.22 -20.81 -6.48
N SER C 83 -4.79 -22.02 -6.67
CA SER C 83 -6.22 -22.22 -6.89
C SER C 83 -7.10 -21.81 -5.66
N ALA C 84 -6.50 -21.65 -4.46
CA ALA C 84 -7.22 -21.26 -3.25
C ALA C 84 -6.91 -19.83 -2.77
N VAL C 85 -5.94 -19.13 -3.39
CA VAL C 85 -5.54 -17.79 -3.00
C VAL C 85 -6.72 -16.81 -3.00
N ASN C 86 -7.43 -16.69 -4.13
CA ASN C 86 -8.55 -15.75 -4.27
C ASN C 86 -9.63 -15.90 -3.21
N ALA C 87 -10.07 -17.15 -2.93
CA ALA C 87 -11.05 -17.43 -1.88
C ALA C 87 -10.65 -16.79 -0.54
N VAL C 88 -9.36 -16.91 -0.15
CA VAL C 88 -8.82 -16.32 1.08
C VAL C 88 -8.93 -14.77 1.07
N CYS C 89 -8.75 -14.11 -0.11
CA CYS C 89 -8.88 -12.65 -0.28
C CYS C 89 -10.32 -12.18 -0.08
N TYR C 90 -11.29 -13.11 -0.26
CA TYR C 90 -12.72 -12.87 -0.09
C TYR C 90 -13.19 -13.21 1.32
N GLY C 91 -12.26 -13.62 2.18
CA GLY C 91 -12.50 -13.94 3.59
C GLY C 91 -12.98 -15.35 3.86
N ALA C 92 -13.07 -16.18 2.81
CA ALA C 92 -13.51 -17.58 2.90
C ALA C 92 -12.50 -18.43 3.68
N LYS C 93 -13.00 -19.50 4.34
CA LYS C 93 -12.20 -20.46 5.13
C LYS C 93 -11.21 -21.20 4.21
N LEU C 94 -10.04 -21.57 4.73
CA LEU C 94 -9.07 -22.36 3.96
C LEU C 94 -9.30 -23.85 4.29
N MET C 95 -9.53 -24.68 3.24
CA MET C 95 -9.80 -26.12 3.38
C MET C 95 -8.57 -26.94 3.01
N ILE C 96 -8.54 -28.24 3.39
CA ILE C 96 -7.44 -29.18 3.08
C ILE C 96 -6.98 -29.15 1.60
N PRO C 97 -7.90 -29.20 0.59
CA PRO C 97 -7.46 -29.11 -0.82
C PRO C 97 -6.62 -27.88 -1.19
N GLY C 98 -6.74 -26.80 -0.43
CA GLY C 98 -6.01 -25.54 -0.65
C GLY C 98 -4.65 -25.44 0.00
N LEU C 99 -4.35 -26.34 0.96
CA LEU C 99 -3.09 -26.39 1.71
C LEU C 99 -1.97 -26.99 0.86
N LEU C 100 -0.77 -26.38 0.91
CA LEU C 100 0.41 -26.82 0.18
C LEU C 100 1.56 -27.17 1.14
N ARG C 101 1.87 -26.25 2.05
CA ARG C 101 2.90 -26.37 3.08
C ARG C 101 2.45 -25.71 4.38
N TYR C 102 2.88 -26.26 5.51
CA TYR C 102 2.54 -25.76 6.85
C TYR C 102 3.78 -25.79 7.74
N GLU C 103 3.87 -24.85 8.69
CA GLU C 103 5.02 -24.76 9.57
C GLU C 103 4.87 -25.71 10.76
N GLU C 104 6.00 -26.14 11.34
CA GLU C 104 6.04 -26.98 12.55
C GLU C 104 5.58 -26.10 13.70
N GLY C 105 4.97 -26.72 14.71
CA GLY C 105 4.53 -26.02 15.91
C GLY C 105 3.26 -25.22 15.83
N ILE C 106 2.43 -25.43 14.78
CA ILE C 106 1.14 -24.75 14.67
C ILE C 106 0.18 -25.50 15.61
N GLU C 107 -0.36 -24.77 16.61
CA GLU C 107 -1.29 -25.30 17.60
C GLU C 107 -2.68 -24.76 17.27
N LEU C 108 -3.73 -25.48 17.67
CA LEU C 108 -5.10 -25.07 17.42
C LEU C 108 -5.35 -23.67 17.99
N TYR C 109 -6.01 -22.83 17.19
CA TYR C 109 -6.38 -21.43 17.50
C TYR C 109 -5.27 -20.38 17.42
N ASP C 110 -4.06 -20.80 17.01
CA ASP C 110 -2.93 -19.90 16.83
C ASP C 110 -3.21 -18.91 15.70
N GLU C 111 -2.78 -17.65 15.89
CA GLU C 111 -2.89 -16.60 14.90
C GLU C 111 -1.71 -16.87 13.96
N ILE C 112 -1.99 -17.04 12.66
CA ILE C 112 -1.00 -17.40 11.65
C ILE C 112 -1.11 -16.51 10.43
N VAL C 113 -0.16 -16.65 9.50
CA VAL C 113 -0.21 -15.92 8.24
C VAL C 113 -0.33 -16.90 7.06
N LEU C 114 -1.23 -16.60 6.13
CA LEU C 114 -1.42 -17.39 4.92
C LEU C 114 -0.64 -16.67 3.82
N ILE C 115 0.33 -17.37 3.19
CA ILE C 115 1.19 -16.80 2.15
C ILE C 115 1.05 -17.58 0.84
N THR C 116 1.40 -16.94 -0.31
CA THR C 116 1.40 -17.59 -1.63
C THR C 116 2.76 -18.26 -1.84
N THR C 117 2.95 -18.96 -2.97
CA THR C 117 4.24 -19.61 -3.29
C THR C 117 5.25 -18.55 -3.73
N LYS C 118 4.76 -17.35 -4.04
CA LYS C 118 5.57 -16.20 -4.44
C LYS C 118 6.08 -15.42 -3.23
N GLY C 119 5.52 -15.69 -2.05
CA GLY C 119 5.91 -15.04 -0.80
C GLY C 119 5.08 -13.82 -0.45
N GLU C 120 3.89 -13.68 -1.06
CA GLU C 120 2.96 -12.58 -0.81
C GLU C 120 2.08 -12.95 0.37
N ALA C 121 1.75 -11.98 1.23
CA ALA C 121 0.90 -12.23 2.40
C ALA C 121 -0.55 -12.12 2.00
N ILE C 122 -1.33 -13.20 2.14
CA ILE C 122 -2.74 -13.18 1.75
C ILE C 122 -3.60 -12.62 2.88
N ALA C 123 -3.44 -13.17 4.09
CA ALA C 123 -4.28 -12.84 5.21
C ALA C 123 -3.67 -13.32 6.48
N VAL C 124 -4.16 -12.78 7.60
CA VAL C 124 -3.86 -13.21 8.96
C VAL C 124 -5.08 -14.07 9.27
N ALA C 125 -4.83 -15.29 9.76
CA ALA C 125 -5.87 -16.27 10.03
C ALA C 125 -5.72 -16.96 11.37
N ILE C 126 -6.75 -17.71 11.78
CA ILE C 126 -6.75 -18.48 13.03
C ILE C 126 -6.67 -19.94 12.64
N ALA C 127 -5.63 -20.66 13.13
CA ALA C 127 -5.41 -22.08 12.88
C ALA C 127 -6.59 -22.91 13.41
N GLN C 128 -7.25 -23.68 12.53
CA GLN C 128 -8.42 -24.51 12.88
C GLN C 128 -8.09 -25.99 13.05
N MET C 129 -6.80 -26.33 12.95
CA MET C 129 -6.21 -27.65 13.17
C MET C 129 -4.70 -27.59 13.47
N SER C 130 -4.21 -28.50 14.33
CA SER C 130 -2.79 -28.57 14.73
C SER C 130 -1.92 -29.18 13.65
N THR C 131 -0.59 -29.14 13.89
CA THR C 131 0.44 -29.70 13.02
C THR C 131 0.20 -31.20 12.72
N VAL C 132 -0.27 -31.98 13.72
CA VAL C 132 -0.57 -33.40 13.53
C VAL C 132 -1.77 -33.66 12.62
N ASP C 133 -2.82 -32.83 12.72
CA ASP C 133 -4.03 -32.94 11.89
C ASP C 133 -3.77 -32.49 10.46
N LEU C 134 -2.91 -31.47 10.27
CA LEU C 134 -2.53 -30.94 8.94
C LEU C 134 -1.84 -32.00 8.11
N ALA C 135 -1.09 -32.89 8.78
CA ALA C 135 -0.35 -34.01 8.21
C ALA C 135 -1.24 -35.19 7.85
N SER C 136 -2.29 -35.45 8.67
CA SER C 136 -3.19 -36.60 8.53
C SER C 136 -4.49 -36.35 7.79
N CYS C 137 -5.31 -35.36 8.23
CA CYS C 137 -6.63 -35.04 7.66
C CYS C 137 -6.68 -34.94 6.17
N ASP C 138 -7.66 -35.62 5.57
CA ASP C 138 -7.91 -35.62 4.13
C ASP C 138 -8.98 -34.59 3.78
N HIS C 139 -9.66 -34.04 4.81
CA HIS C 139 -10.74 -33.06 4.67
C HIS C 139 -10.89 -32.20 5.93
N GLY C 140 -11.54 -31.04 5.76
CA GLY C 140 -11.82 -30.11 6.85
C GLY C 140 -11.26 -28.71 6.68
N VAL C 141 -11.60 -27.83 7.64
CA VAL C 141 -11.17 -26.43 7.71
C VAL C 141 -9.77 -26.39 8.33
N VAL C 142 -8.83 -25.81 7.59
CA VAL C 142 -7.44 -25.64 7.99
C VAL C 142 -7.33 -24.36 8.85
N ALA C 143 -7.91 -23.25 8.37
CA ALA C 143 -7.86 -21.94 9.01
C ALA C 143 -9.02 -21.07 8.58
N SER C 144 -9.43 -20.15 9.45
CA SER C 144 -10.49 -19.17 9.22
C SER C 144 -9.83 -17.78 9.18
N VAL C 145 -10.21 -16.95 8.19
CA VAL C 145 -9.62 -15.61 8.00
C VAL C 145 -9.97 -14.61 9.12
N LYS C 146 -8.94 -14.03 9.77
CA LYS C 146 -9.11 -13.00 10.79
C LYS C 146 -9.09 -11.61 10.13
N ARG C 147 -8.11 -11.37 9.23
CA ARG C 147 -7.93 -10.11 8.52
C ARG C 147 -7.25 -10.32 7.17
N CYS C 148 -7.98 -10.05 6.05
CA CYS C 148 -7.50 -10.10 4.67
C CYS C 148 -6.44 -9.02 4.48
N ILE C 149 -5.34 -9.35 3.81
CA ILE C 149 -4.26 -8.38 3.54
C ILE C 149 -4.23 -8.09 2.02
N MET C 150 -4.27 -9.15 1.19
CA MET C 150 -4.20 -9.06 -0.26
C MET C 150 -5.53 -8.67 -0.92
N GLU C 151 -5.45 -7.82 -1.98
CA GLU C 151 -6.53 -7.37 -2.85
C GLU C 151 -7.25 -8.58 -3.41
N ARG C 152 -8.56 -8.45 -3.64
CA ARG C 152 -9.34 -9.49 -4.31
C ARG C 152 -8.95 -9.44 -5.78
N ASP C 153 -8.99 -10.59 -6.44
CA ASP C 153 -8.72 -10.76 -7.86
C ASP C 153 -7.29 -10.51 -8.33
N LEU C 154 -6.31 -10.67 -7.43
CA LEU C 154 -4.89 -10.61 -7.80
C LEU C 154 -4.53 -11.97 -8.46
N TYR C 155 -5.22 -13.04 -8.00
CA TYR C 155 -5.14 -14.42 -8.48
C TYR C 155 -6.55 -14.77 -8.98
N PRO C 156 -7.05 -14.17 -10.09
CA PRO C 156 -8.44 -14.45 -10.49
C PRO C 156 -8.59 -15.75 -11.24
N ARG C 157 -9.84 -16.11 -11.53
CA ARG C 157 -10.18 -17.28 -12.32
C ARG C 157 -9.79 -16.96 -13.75
N ARG C 158 -8.86 -17.76 -14.29
CA ARG C 158 -8.34 -17.51 -15.63
C ARG C 158 -8.88 -18.47 -16.69
N TRP C 159 -9.01 -17.96 -17.92
CA TRP C 159 -9.47 -18.69 -19.08
C TRP C 159 -8.27 -19.03 -19.96
N GLY C 160 -7.99 -20.33 -20.08
CA GLY C 160 -6.87 -20.89 -20.83
C GLY C 160 -6.83 -20.54 -22.31
N LEU C 161 -8.01 -20.45 -22.93
CA LEU C 161 -8.13 -20.12 -24.35
C LEU C 161 -8.21 -18.60 -24.58
N GLY C 162 -8.40 -18.19 -25.83
CA GLY C 162 -8.43 -16.77 -26.19
C GLY C 162 -9.52 -15.93 -25.55
N PRO C 163 -9.26 -14.61 -25.29
CA PRO C 163 -10.31 -13.75 -24.72
C PRO C 163 -11.53 -13.65 -25.64
N VAL C 164 -12.73 -13.78 -25.04
CA VAL C 164 -14.04 -13.78 -25.70
C VAL C 164 -14.39 -12.51 -26.45
N ALA C 165 -14.11 -11.32 -25.86
CA ALA C 165 -14.38 -10.02 -26.47
C ALA C 165 -13.54 -9.86 -27.76
N GLN C 166 -12.28 -10.30 -27.72
CA GLN C 166 -11.35 -10.31 -28.86
C GLN C 166 -11.89 -11.24 -29.96
N LYS C 167 -12.44 -12.42 -29.58
CA LYS C 167 -13.01 -13.40 -30.50
C LYS C 167 -14.23 -12.85 -31.24
N LYS C 168 -15.09 -12.07 -30.55
CA LYS C 168 -16.27 -11.44 -31.15
C LYS C 168 -15.87 -10.36 -32.19
N LYS C 169 -14.76 -9.61 -31.95
CA LYS C 169 -14.26 -8.58 -32.86
C LYS C 169 -13.81 -9.24 -34.18
N GLN C 170 -13.09 -10.39 -34.08
CA GLN C 170 -12.58 -11.18 -35.21
C GLN C 170 -13.76 -11.71 -36.01
N MET C 171 -14.86 -12.05 -35.34
CA MET C 171 -16.08 -12.52 -35.99
C MET C 171 -16.82 -11.39 -36.72
N LYS C 172 -16.75 -10.13 -36.21
CA LYS C 172 -17.35 -8.95 -36.84
C LYS C 172 -16.61 -8.63 -38.13
N ALA C 173 -15.26 -8.74 -38.07
CA ALA C 173 -14.33 -8.51 -39.16
C ALA C 173 -14.49 -9.55 -40.30
N ASP C 174 -14.89 -10.79 -39.93
CA ASP C 174 -15.08 -11.90 -40.87
C ASP C 174 -16.52 -12.01 -41.40
N GLY C 175 -17.47 -11.39 -40.68
CA GLY C 175 -18.89 -11.42 -41.02
C GLY C 175 -19.55 -12.71 -40.59
N LYS C 176 -19.02 -13.33 -39.52
CA LYS C 176 -19.50 -14.58 -38.92
C LYS C 176 -20.57 -14.35 -37.83
N LEU C 177 -21.12 -13.12 -37.77
CA LEU C 177 -22.16 -12.70 -36.82
C LEU C 177 -23.51 -12.52 -37.51
N ASP C 178 -24.61 -12.50 -36.71
CA ASP C 178 -25.99 -12.31 -37.21
C ASP C 178 -26.26 -10.88 -37.72
N LYS C 179 -27.50 -10.62 -38.21
CA LYS C 179 -27.91 -9.29 -38.70
C LYS C 179 -27.91 -8.19 -37.62
N TYR C 180 -28.26 -8.57 -36.37
CA TYR C 180 -28.33 -7.69 -35.20
C TYR C 180 -26.93 -7.38 -34.61
N GLY C 181 -25.93 -8.16 -35.01
CA GLY C 181 -24.55 -8.01 -34.59
C GLY C 181 -24.20 -8.80 -33.34
N ARG C 182 -24.78 -10.00 -33.21
CA ARG C 182 -24.57 -10.87 -32.05
C ARG C 182 -24.11 -12.29 -32.43
N VAL C 183 -23.41 -12.95 -31.49
CA VAL C 183 -22.90 -14.33 -31.64
C VAL C 183 -24.09 -15.28 -31.56
N ASN C 184 -24.37 -16.00 -32.65
CA ASN C 184 -25.49 -16.94 -32.69
C ASN C 184 -25.11 -18.35 -32.24
N GLU C 185 -26.11 -19.13 -31.80
CA GLU C 185 -25.98 -20.54 -31.42
C GLU C 185 -25.73 -21.28 -32.75
N ASN C 186 -24.64 -22.08 -32.83
CA ASN C 186 -24.19 -22.81 -34.03
C ASN C 186 -23.74 -21.83 -35.12
N THR D 25 17.73 -22.14 -2.49
CA THR D 25 18.28 -22.13 -1.13
C THR D 25 18.65 -20.69 -0.72
N SER D 26 19.65 -20.08 -1.40
CA SER D 26 20.16 -18.73 -1.12
C SER D 26 19.12 -17.63 -1.33
N GLU D 27 18.45 -17.62 -2.49
CA GLU D 27 17.43 -16.61 -2.77
C GLU D 27 16.03 -17.10 -2.40
N TRP D 28 15.33 -16.29 -1.60
CA TRP D 28 13.97 -16.49 -1.14
C TRP D 28 13.39 -15.12 -0.72
N PRO D 29 12.11 -14.86 -1.08
CA PRO D 29 11.42 -13.67 -0.55
C PRO D 29 11.32 -13.71 0.99
N LEU D 30 11.23 -12.54 1.65
CA LEU D 30 11.16 -12.38 3.11
C LEU D 30 10.31 -13.41 3.87
N LEU D 31 9.07 -13.66 3.39
CA LEU D 31 8.12 -14.59 4.00
C LEU D 31 8.36 -16.05 3.63
N LEU D 32 9.33 -16.31 2.75
CA LEU D 32 9.67 -17.66 2.30
C LEU D 32 11.03 -18.18 2.81
N LYS D 33 11.69 -17.40 3.70
CA LYS D 33 12.96 -17.78 4.33
C LYS D 33 12.71 -18.89 5.34
N ASN D 34 13.72 -19.77 5.56
CA ASN D 34 13.63 -20.97 6.42
C ASN D 34 12.58 -21.92 5.82
N PHE D 35 12.63 -22.04 4.48
CA PHE D 35 11.73 -22.86 3.69
C PHE D 35 11.67 -24.32 4.11
N ASP D 36 12.76 -24.85 4.70
CA ASP D 36 12.88 -26.23 5.21
C ASP D 36 11.90 -26.48 6.35
N LYS D 37 11.68 -25.45 7.20
CA LYS D 37 10.77 -25.43 8.36
C LYS D 37 9.31 -25.66 7.94
N LEU D 38 9.03 -25.53 6.61
CA LEU D 38 7.69 -25.73 6.01
C LEU D 38 7.54 -27.18 5.57
N LEU D 39 6.55 -27.84 6.16
CA LEU D 39 6.22 -29.24 6.01
C LEU D 39 5.24 -29.51 4.89
N VAL D 40 5.36 -30.69 4.25
CA VAL D 40 4.45 -31.10 3.18
C VAL D 40 3.50 -32.17 3.66
N ARG D 41 2.41 -32.31 2.94
CA ARG D 41 1.43 -33.35 3.20
C ARG D 41 1.88 -34.62 2.49
N SER D 42 1.45 -35.78 2.99
CA SER D 42 1.71 -37.06 2.38
C SER D 42 0.91 -37.14 1.05
N GLY D 43 1.50 -37.78 0.04
CA GLY D 43 0.88 -37.94 -1.27
C GLY D 43 1.57 -37.20 -2.38
N HIS D 44 0.78 -36.62 -3.29
CA HIS D 44 1.27 -35.89 -4.46
C HIS D 44 2.02 -34.65 -4.14
N TYR D 45 3.15 -34.43 -4.83
CA TYR D 45 3.93 -33.21 -4.64
C TYR D 45 4.06 -32.33 -5.86
N THR D 46 3.38 -31.18 -5.75
CA THR D 46 3.33 -30.07 -6.70
C THR D 46 4.48 -29.09 -6.31
N PRO D 47 5.58 -29.03 -7.10
CA PRO D 47 6.70 -28.14 -6.73
C PRO D 47 6.39 -26.64 -6.72
N ILE D 48 7.08 -25.89 -5.84
CA ILE D 48 6.90 -24.44 -5.71
C ILE D 48 7.30 -23.67 -6.97
N PRO D 54 5.40 -14.49 -12.93
CA PRO D 54 6.29 -15.35 -12.13
C PRO D 54 6.88 -14.72 -10.87
N LEU D 55 7.15 -13.39 -10.87
CA LEU D 55 7.70 -12.71 -9.70
C LEU D 55 6.61 -11.97 -8.94
N LYS D 56 6.74 -11.94 -7.61
CA LYS D 56 5.80 -11.25 -6.73
C LYS D 56 5.85 -9.74 -6.88
N ARG D 57 4.87 -9.04 -6.32
CA ARG D 57 4.86 -7.57 -6.37
C ARG D 57 5.14 -6.99 -4.99
N ASP D 58 5.35 -5.67 -4.95
CA ASP D 58 5.60 -4.89 -3.75
C ASP D 58 4.32 -4.94 -2.86
N LEU D 59 4.47 -4.93 -1.50
CA LEU D 59 3.30 -4.96 -0.59
C LEU D 59 2.27 -3.90 -0.94
N LYS D 60 2.74 -2.67 -1.20
CA LYS D 60 1.96 -1.49 -1.60
C LYS D 60 1.15 -1.77 -2.89
N SER D 61 1.65 -2.68 -3.76
CA SER D 61 0.99 -3.03 -5.02
C SER D 61 -0.08 -4.12 -4.90
N TYR D 62 0.01 -5.01 -3.88
CA TYR D 62 -0.99 -6.07 -3.74
C TYR D 62 -1.93 -5.91 -2.56
N ILE D 63 -1.60 -4.98 -1.64
CA ILE D 63 -2.36 -4.71 -0.44
C ILE D 63 -3.77 -4.20 -0.75
N SER D 64 -4.74 -4.72 0.03
CA SER D 64 -6.16 -4.33 0.02
C SER D 64 -6.29 -2.85 0.46
N SER D 65 -7.42 -2.22 0.09
CA SER D 65 -7.74 -0.83 0.44
C SER D 65 -8.71 -0.78 1.63
N GLY D 66 -8.90 -1.95 2.26
CA GLY D 66 -9.77 -2.17 3.40
C GLY D 66 -9.20 -1.65 4.72
N PRO D 67 -9.90 -1.95 5.83
CA PRO D 67 -9.47 -1.45 7.15
C PRO D 67 -8.30 -2.21 7.79
N LEU D 68 -7.14 -2.20 7.12
CA LEU D 68 -5.96 -2.95 7.54
C LEU D 68 -5.23 -2.47 8.77
N GLU D 69 -5.59 -1.29 9.28
CA GLU D 69 -5.00 -0.74 10.50
C GLU D 69 -5.40 -1.53 11.75
N THR D 70 -6.41 -2.44 11.63
CA THR D 70 -6.83 -3.32 12.74
C THR D 70 -5.71 -4.28 13.12
N LEU D 71 -4.79 -4.57 12.18
CA LEU D 71 -3.61 -5.42 12.39
C LEU D 71 -2.67 -4.85 13.46
N LEU D 72 -2.82 -3.56 13.83
CA LEU D 72 -1.97 -2.86 14.79
C LEU D 72 -2.65 -2.48 16.11
N VAL D 73 -3.92 -2.87 16.26
CA VAL D 73 -4.76 -2.61 17.44
C VAL D 73 -4.26 -3.30 18.73
N GLY D 74 -3.46 -4.35 18.57
CA GLY D 74 -2.85 -5.08 19.68
C GLY D 74 -1.80 -4.31 20.46
N TYR D 75 -1.01 -3.45 19.76
CA TYR D 75 0.08 -2.63 20.31
C TYR D 75 -0.38 -1.43 21.14
N LYS D 76 0.41 -1.09 22.18
CA LYS D 76 0.21 0.12 22.97
C LYS D 76 0.68 1.32 22.13
N ARG D 77 0.07 2.49 22.34
CA ARG D 77 0.30 3.66 21.49
C ARG D 77 1.03 4.83 22.10
N ILE D 78 1.75 5.55 21.24
CA ILE D 78 2.39 6.82 21.51
C ILE D 78 2.01 7.74 20.33
N VAL D 79 1.37 8.89 20.65
CA VAL D 79 0.96 9.90 19.69
C VAL D 79 2.13 10.90 19.58
N VAL D 80 2.64 11.07 18.36
CA VAL D 80 3.79 11.89 17.99
C VAL D 80 3.29 13.30 17.50
N LYS D 81 3.99 14.39 17.90
CA LYS D 81 3.75 15.79 17.50
C LYS D 81 4.04 15.87 16.01
N ASP D 82 3.21 16.62 15.24
CA ASP D 82 3.39 16.73 13.79
C ASP D 82 4.81 17.10 13.37
N SER D 83 5.49 17.94 14.16
CA SER D 83 6.86 18.37 13.92
C SER D 83 7.90 17.23 14.01
N ALA D 84 7.53 16.08 14.63
CA ALA D 84 8.42 14.91 14.79
C ALA D 84 8.03 13.70 13.92
N VAL D 85 6.89 13.78 13.21
CA VAL D 85 6.41 12.68 12.35
C VAL D 85 7.44 12.27 11.31
N ASN D 86 7.92 13.22 10.49
CA ASN D 86 8.87 12.95 9.43
C ASN D 86 10.14 12.24 9.87
N ALA D 87 10.77 12.69 10.98
CA ALA D 87 11.95 12.03 11.55
C ALA D 87 11.71 10.54 11.77
N VAL D 88 10.53 10.17 12.31
CA VAL D 88 10.16 8.77 12.55
C VAL D 88 10.07 7.95 11.22
N CYS D 89 9.62 8.59 10.10
CA CYS D 89 9.54 7.97 8.76
C CYS D 89 10.91 7.68 8.19
N TYR D 90 11.94 8.41 8.69
CA TYR D 90 13.34 8.27 8.28
C TYR D 90 14.08 7.28 9.19
N GLY D 91 13.37 6.70 10.16
CA GLY D 91 13.91 5.71 11.09
C GLY D 91 14.60 6.28 12.31
N ALA D 92 14.60 7.61 12.45
CA ALA D 92 15.21 8.31 13.58
C ALA D 92 14.48 8.03 14.90
N LYS D 93 15.21 8.10 16.02
CA LYS D 93 14.70 7.88 17.38
C LYS D 93 13.68 8.96 17.72
N LEU D 94 12.67 8.62 18.54
CA LEU D 94 11.67 9.61 18.98
C LEU D 94 12.13 10.14 20.35
N MET D 95 12.27 11.46 20.46
CA MET D 95 12.74 12.15 21.68
C MET D 95 11.57 12.80 22.43
N ILE D 96 11.76 13.16 23.71
CA ILE D 96 10.74 13.81 24.54
C ILE D 96 10.04 15.01 23.85
N PRO D 97 10.76 15.98 23.20
CA PRO D 97 10.07 17.07 22.49
C PRO D 97 9.02 16.66 21.45
N GLY D 98 9.14 15.43 20.92
CA GLY D 98 8.23 14.89 19.91
C GLY D 98 7.01 14.16 20.43
N LEU D 99 7.00 13.80 21.73
CA LEU D 99 5.91 13.10 22.40
C LEU D 99 4.75 14.05 22.72
N LEU D 100 3.52 13.57 22.49
CA LEU D 100 2.28 14.31 22.72
C LEU D 100 1.37 13.56 23.70
N ARG D 101 1.14 12.26 23.45
CA ARG D 101 0.32 11.35 24.26
C ARG D 101 0.92 9.96 24.30
N TYR D 102 0.75 9.24 25.42
CA TYR D 102 1.28 7.89 25.63
C TYR D 102 0.27 7.03 26.36
N GLU D 103 0.27 5.71 26.12
CA GLU D 103 -0.66 4.78 26.75
C GLU D 103 -0.13 4.31 28.10
N GLU D 104 -1.04 3.95 29.02
CA GLU D 104 -0.70 3.41 30.33
C GLU D 104 -0.18 2.00 30.12
N GLY D 105 0.69 1.55 31.01
CA GLY D 105 1.25 0.20 30.97
C GLY D 105 2.36 -0.08 29.96
N ILE D 106 2.98 0.99 29.40
CA ILE D 106 4.11 0.83 28.50
C ILE D 106 5.35 0.54 29.39
N GLU D 107 5.97 -0.62 29.19
CA GLU D 107 7.15 -1.05 29.93
C GLU D 107 8.36 -0.95 29.02
N LEU D 108 9.56 -0.78 29.60
CA LEU D 108 10.80 -0.68 28.84
C LEU D 108 10.96 -1.91 27.89
N TYR D 109 11.32 -1.62 26.64
CA TYR D 109 11.55 -2.58 25.54
C TYR D 109 10.31 -3.18 24.88
N ASP D 110 9.11 -2.73 25.30
CA ASP D 110 7.85 -3.19 24.70
C ASP D 110 7.78 -2.73 23.25
N GLU D 111 7.20 -3.60 22.40
CA GLU D 111 6.99 -3.30 20.99
C GLU D 111 5.71 -2.49 20.98
N ILE D 112 5.77 -1.27 20.41
CA ILE D 112 4.64 -0.33 20.40
C ILE D 112 4.41 0.22 19.01
N VAL D 113 3.32 0.98 18.85
CA VAL D 113 3.02 1.64 17.59
C VAL D 113 3.07 3.17 17.82
N LEU D 114 3.70 3.90 16.87
CA LEU D 114 3.76 5.36 16.88
C LEU D 114 2.72 5.87 15.88
N ILE D 115 1.75 6.66 16.35
CA ILE D 115 0.65 7.17 15.52
C ILE D 115 0.64 8.72 15.47
N THR D 116 0.01 9.31 14.44
CA THR D 116 -0.16 10.75 14.31
C THR D 116 -1.46 11.15 15.03
N THR D 117 -1.77 12.45 15.10
CA THR D 117 -3.01 12.95 15.72
C THR D 117 -4.20 12.65 14.81
N LYS D 118 -3.93 12.33 13.54
CA LYS D 118 -4.93 11.97 12.54
C LYS D 118 -5.28 10.47 12.62
N GLY D 119 -4.49 9.69 13.35
CA GLY D 119 -4.70 8.26 13.50
C GLY D 119 -3.98 7.38 12.49
N GLU D 120 -2.95 7.96 11.82
CA GLU D 120 -2.14 7.25 10.84
C GLU D 120 -1.01 6.54 11.57
N ALA D 121 -0.66 5.32 11.13
CA ALA D 121 0.42 4.56 11.75
C ALA D 121 1.74 4.98 11.16
N ILE D 122 2.65 5.51 11.98
CA ILE D 122 3.96 5.97 11.50
C ILE D 122 4.95 4.81 11.41
N ALA D 123 5.09 4.07 12.51
CA ALA D 123 6.05 3.01 12.63
C ALA D 123 5.73 2.11 13.80
N VAL D 124 6.36 0.92 13.80
CA VAL D 124 6.37 -0.03 14.92
C VAL D 124 7.73 0.30 15.56
N ALA D 125 7.73 0.49 16.88
CA ALA D 125 8.91 0.91 17.61
C ALA D 125 9.11 0.13 18.89
N ILE D 126 10.29 0.29 19.51
CA ILE D 126 10.64 -0.35 20.78
C ILE D 126 10.67 0.75 21.82
N ALA D 127 9.85 0.60 22.89
CA ALA D 127 9.77 1.55 24.00
C ALA D 127 11.12 1.67 24.73
N GLN D 128 11.68 2.90 24.78
CA GLN D 128 12.98 3.17 25.39
C GLN D 128 12.87 3.79 26.80
N MET D 129 11.64 3.92 27.30
CA MET D 129 11.27 4.38 28.64
C MET D 129 9.85 3.96 29.04
N SER D 130 9.65 3.70 30.33
CA SER D 130 8.36 3.26 30.88
C SER D 130 7.34 4.42 31.00
N THR D 131 6.05 4.12 31.25
CA THR D 131 5.01 5.14 31.40
C THR D 131 5.36 6.14 32.52
N VAL D 132 6.00 5.69 33.64
CA VAL D 132 6.40 6.62 34.71
C VAL D 132 7.44 7.67 34.24
N ASP D 133 8.41 7.24 33.40
CA ASP D 133 9.46 8.12 32.85
C ASP D 133 8.88 9.06 31.79
N LEU D 134 7.90 8.58 31.00
CA LEU D 134 7.24 9.37 29.95
C LEU D 134 6.52 10.58 30.55
N ALA D 135 6.00 10.43 31.79
CA ALA D 135 5.30 11.44 32.57
C ALA D 135 6.24 12.47 33.20
N SER D 136 7.43 12.01 33.66
CA SER D 136 8.41 12.82 34.36
C SER D 136 9.51 13.43 33.52
N CYS D 137 10.28 12.62 32.75
CA CYS D 137 11.42 13.04 31.94
C CYS D 137 11.18 14.25 31.07
N ASP D 138 12.11 15.22 31.15
CA ASP D 138 12.08 16.45 30.37
C ASP D 138 12.96 16.30 29.13
N HIS D 139 13.74 15.19 29.07
CA HIS D 139 14.67 14.88 27.98
C HIS D 139 14.95 13.36 27.86
N GLY D 140 15.41 12.94 26.69
CA GLY D 140 15.77 11.56 26.42
C GLY D 140 15.04 10.89 25.27
N VAL D 141 15.45 9.64 24.95
CA VAL D 141 14.87 8.81 23.89
C VAL D 141 13.62 8.14 24.42
N VAL D 142 12.50 8.36 23.76
CA VAL D 142 11.20 7.79 24.08
C VAL D 142 11.09 6.36 23.48
N ALA D 143 11.44 6.24 22.18
CA ALA D 143 11.36 4.98 21.43
C ALA D 143 12.30 5.01 20.24
N SER D 144 12.75 3.82 19.83
CA SER D 144 13.61 3.58 18.68
C SER D 144 12.80 2.81 17.63
N VAL D 145 12.88 3.22 16.36
CA VAL D 145 12.11 2.61 15.27
C VAL D 145 12.53 1.17 14.91
N LYS D 146 11.58 0.21 14.98
CA LYS D 146 11.80 -1.18 14.60
C LYS D 146 11.47 -1.36 13.09
N ARG D 147 10.32 -0.81 12.65
CA ARG D 147 9.86 -0.91 11.26
C ARG D 147 8.98 0.29 10.90
N CYS D 148 9.47 1.15 9.97
CA CYS D 148 8.75 2.31 9.41
C CYS D 148 7.55 1.81 8.63
N ILE D 149 6.40 2.45 8.78
CA ILE D 149 5.20 2.08 8.05
C ILE D 149 4.85 3.20 7.04
N MET D 150 4.88 4.46 7.50
CA MET D 150 4.55 5.64 6.71
C MET D 150 5.68 6.11 5.79
N GLU D 151 5.30 6.57 4.57
CA GLU D 151 6.14 7.16 3.53
C GLU D 151 6.90 8.33 4.11
N ARG D 152 8.11 8.58 3.60
CA ARG D 152 8.88 9.76 3.99
C ARG D 152 8.25 10.95 3.29
N ASP D 153 8.32 12.12 3.92
CA ASP D 153 7.81 13.38 3.41
C ASP D 153 6.30 13.52 3.25
N LEU D 154 5.52 12.74 4.05
CA LEU D 154 4.06 12.89 4.09
C LEU D 154 3.76 14.14 4.97
N TYR D 155 4.63 14.38 5.96
CA TYR D 155 4.62 15.49 6.90
C TYR D 155 5.97 16.23 6.67
N PRO D 156 6.20 16.89 5.51
CA PRO D 156 7.50 17.50 5.28
C PRO D 156 7.68 18.85 5.98
N ARG D 157 8.90 19.38 5.89
CA ARG D 157 9.24 20.70 6.39
C ARG D 157 8.58 21.69 5.47
N ARG D 158 7.69 22.51 6.02
CA ARG D 158 6.93 23.46 5.20
C ARG D 158 7.38 24.89 5.37
N TRP D 159 7.27 25.67 4.28
CA TRP D 159 7.63 27.09 4.23
C TRP D 159 6.36 27.93 4.27
N GLY D 160 6.19 28.67 5.37
CA GLY D 160 5.02 29.50 5.63
C GLY D 160 4.78 30.62 4.63
N LEU D 161 5.86 31.19 4.09
CA LEU D 161 5.78 32.27 3.12
C LEU D 161 5.67 31.73 1.68
N GLY D 162 5.65 32.62 0.69
CA GLY D 162 5.49 32.24 -0.71
C GLY D 162 6.56 31.33 -1.31
N PRO D 163 6.19 30.43 -2.29
CA PRO D 163 7.22 29.57 -2.92
C PRO D 163 8.28 30.39 -3.65
N VAL D 164 9.57 30.04 -3.41
CA VAL D 164 10.76 30.72 -3.93
C VAL D 164 10.89 30.75 -5.45
N ALA D 165 10.61 29.62 -6.13
CA ALA D 165 10.70 29.51 -7.59
C ALA D 165 9.71 30.46 -8.26
N GLN D 166 8.46 30.56 -7.74
CA GLN D 166 7.46 31.50 -8.26
C GLN D 166 7.89 32.96 -7.96
N LYS D 167 8.55 33.21 -6.82
CA LYS D 167 9.03 34.56 -6.50
C LYS D 167 10.09 35.02 -7.51
N LYS D 168 10.99 34.11 -7.94
CA LYS D 168 12.03 34.42 -8.93
C LYS D 168 11.44 34.73 -10.32
N LYS D 169 10.34 34.03 -10.71
CA LYS D 169 9.63 34.23 -11.99
C LYS D 169 9.02 35.64 -12.02
N GLN D 170 8.39 36.05 -10.91
CA GLN D 170 7.77 37.38 -10.72
C GLN D 170 8.84 38.45 -10.80
N MET D 171 10.06 38.14 -10.31
CA MET D 171 11.20 39.04 -10.35
C MET D 171 11.77 39.20 -11.78
N LYS D 172 11.68 38.14 -12.62
CA LYS D 172 12.12 38.14 -14.02
C LYS D 172 11.16 39.02 -14.82
N ALA D 173 9.85 38.88 -14.54
CA ALA D 173 8.76 39.62 -15.16
C ALA D 173 8.80 41.13 -14.83
N ASP D 174 9.33 41.48 -13.63
CA ASP D 174 9.45 42.87 -13.15
C ASP D 174 10.79 43.51 -13.50
N GLY D 175 11.79 42.68 -13.81
CA GLY D 175 13.15 43.13 -14.13
C GLY D 175 13.96 43.48 -12.90
N LYS D 176 13.63 42.81 -11.77
CA LYS D 176 14.26 42.98 -10.45
C LYS D 176 15.48 42.05 -10.26
N LEU D 177 15.94 41.42 -11.35
CA LEU D 177 17.08 40.50 -11.39
C LEU D 177 18.30 41.13 -12.06
N ASP D 178 19.51 40.63 -11.73
CA ASP D 178 20.76 41.14 -12.30
C ASP D 178 20.96 40.75 -13.78
N LYS D 179 22.08 41.22 -14.40
CA LYS D 179 22.43 40.97 -15.80
C LYS D 179 22.61 39.49 -16.16
N TYR D 180 23.04 38.67 -15.18
CA TYR D 180 23.24 37.23 -15.32
C TYR D 180 21.95 36.40 -15.11
N GLY D 181 20.84 37.10 -14.87
CA GLY D 181 19.53 36.49 -14.65
C GLY D 181 19.40 35.77 -13.32
N ARG D 182 20.05 36.30 -12.28
CA ARG D 182 20.08 35.71 -10.94
C ARG D 182 19.66 36.69 -9.85
N VAL D 183 19.17 36.16 -8.71
CA VAL D 183 18.74 36.95 -7.55
C VAL D 183 19.99 37.49 -6.85
N ASN D 184 20.17 38.81 -6.85
CA ASN D 184 21.34 39.42 -6.23
C ASN D 184 21.13 39.76 -4.76
N GLU D 185 22.25 39.88 -4.01
CA GLU D 185 22.27 40.30 -2.60
C GLU D 185 21.91 41.80 -2.65
N ASN D 186 20.88 42.22 -1.87
CA ASN D 186 20.35 43.61 -1.82
C ASN D 186 19.69 43.97 -3.15
C1 GOL E . -43.33 -5.68 15.73
O1 GOL E . -43.93 -6.26 14.56
C2 GOL E . -43.20 -6.70 16.90
O2 GOL E . -41.97 -6.52 17.60
C3 GOL E . -44.39 -6.66 17.92
O3 GOL E . -44.40 -7.82 18.78
C1 GOL F . 21.00 -1.98 13.37
O1 GOL F . 19.60 -2.22 13.13
C2 GOL F . 21.88 -2.24 12.11
O2 GOL F . 21.62 -1.28 11.00
C3 GOL F . 23.38 -2.33 12.51
O3 GOL F . 24.18 -3.08 11.57
C1 GOL G . -1.12 -14.32 -9.94
O1 GOL G . -1.37 -15.07 -11.14
C2 GOL G . -0.10 -13.18 -10.15
O2 GOL G . -0.72 -12.21 -11.02
C3 GOL G . 0.24 -12.51 -8.77
O3 GOL G . 1.64 -12.38 -8.44
C1 GOL H . -3.14 -1.78 23.42
O1 GOL H . -3.16 -2.66 24.57
C2 GOL H . -4.55 -1.29 23.00
O2 GOL H . -5.21 -0.62 24.07
C3 GOL H . -4.52 -0.33 21.82
O3 GOL H . -5.84 -0.26 21.24
C1 GOL I . 1.01 -7.77 13.36
O1 GOL I . 1.36 -7.82 14.77
C2 GOL I . 1.37 -6.38 12.85
O2 GOL I . 2.80 -6.22 12.86
C3 GOL I . 0.65 -5.96 11.54
O3 GOL I . 1.30 -6.32 10.33
#